data_8F40
# 
_entry.id   8F40 
# 
_audit_conform.dict_name       mmcif_pdbx.dic 
_audit_conform.dict_version    5.389 
_audit_conform.dict_location   http://mmcif.pdb.org/dictionaries/ascii/mmcif_pdbx.dic 
# 
loop_
_database_2.database_id 
_database_2.database_code 
_database_2.pdbx_database_accession 
_database_2.pdbx_DOI 
PDB   8F40         pdb_00008f40 10.2210/pdb8f40/pdb 
WWPDB D_1000269160 ?            ?                   
# 
loop_
_pdbx_audit_revision_history.ordinal 
_pdbx_audit_revision_history.data_content_type 
_pdbx_audit_revision_history.major_revision 
_pdbx_audit_revision_history.minor_revision 
_pdbx_audit_revision_history.revision_date 
1 'Structure model' 1 0 2023-03-08 
2 'Structure model' 1 1 2023-03-15 
3 'Structure model' 1 2 2024-04-03 
# 
_pdbx_audit_revision_details.ordinal             1 
_pdbx_audit_revision_details.revision_ordinal    1 
_pdbx_audit_revision_details.data_content_type   'Structure model' 
_pdbx_audit_revision_details.provider            repository 
_pdbx_audit_revision_details.type                'Initial release' 
_pdbx_audit_revision_details.description         ? 
_pdbx_audit_revision_details.details             ? 
# 
loop_
_pdbx_audit_revision_group.ordinal 
_pdbx_audit_revision_group.revision_ordinal 
_pdbx_audit_revision_group.data_content_type 
_pdbx_audit_revision_group.group 
1 2 'Structure model' 'Database references'    
2 3 'Structure model' 'Data collection'        
3 3 'Structure model' 'Refinement description' 
# 
loop_
_pdbx_audit_revision_category.ordinal 
_pdbx_audit_revision_category.revision_ordinal 
_pdbx_audit_revision_category.data_content_type 
_pdbx_audit_revision_category.category 
1 2 'Structure model' citation                      
2 2 'Structure model' citation_author               
3 3 'Structure model' chem_comp_atom                
4 3 'Structure model' chem_comp_bond                
5 3 'Structure model' pdbx_initial_refinement_model 
# 
loop_
_pdbx_audit_revision_item.ordinal 
_pdbx_audit_revision_item.revision_ordinal 
_pdbx_audit_revision_item.data_content_type 
_pdbx_audit_revision_item.item 
1 2 'Structure model' '_citation.journal_volume'          
2 2 'Structure model' '_citation.page_first'              
3 2 'Structure model' '_citation.page_last'               
4 2 'Structure model' '_citation_author.identifier_ORCID' 
# 
_pdbx_database_status.status_code                     REL 
_pdbx_database_status.status_code_sf                  REL 
_pdbx_database_status.status_code_mr                  ? 
_pdbx_database_status.entry_id                        8F40 
_pdbx_database_status.recvd_initial_deposition_date   2022-11-10 
_pdbx_database_status.SG_entry                        N 
_pdbx_database_status.deposit_site                    RCSB 
_pdbx_database_status.process_site                    RCSB 
_pdbx_database_status.status_code_cs                  ? 
_pdbx_database_status.status_code_nmr_data            ? 
_pdbx_database_status.methods_development_category    ? 
_pdbx_database_status.pdb_format_compatible           Y 
# 
_pdbx_contact_author.id                 2 
_pdbx_contact_author.email              mao@purdue.edu 
_pdbx_contact_author.name_first         Chengde 
_pdbx_contact_author.name_last          Mao 
_pdbx_contact_author.name_mi            ? 
_pdbx_contact_author.role               'principal investigator/group leader' 
_pdbx_contact_author.identifier_ORCID   0000-0001-7516-8666 
# 
loop_
_audit_author.name 
_audit_author.pdbx_ordinal 
_audit_author.identifier_ORCID 
'Zhang, C.'    1 0000-0003-3342-7003 
'Zhao, J.'     2 ?                   
'Lu, B.'       3 ?                   
'Sha, R.'      4 0000-0002-0807-734X 
'Seeman, N.C.' 5 0000-0002-9680-4649 
'Noinaj, N.'   6 ?                   
'Mao, C.'      7 0000-0001-7516-8666 
# 
_citation.abstract                  ? 
_citation.abstract_id_CAS           ? 
_citation.book_id_ISBN              ? 
_citation.book_publisher            ? 
_citation.book_publisher_city       ? 
_citation.book_title                ? 
_citation.coordinate_linkage        ? 
_citation.country                   US 
_citation.database_id_Medline       ? 
_citation.details                   ? 
_citation.id                        primary 
_citation.journal_abbrev            J.Am.Chem.Soc. 
_citation.journal_id_ASTM           JACSAT 
_citation.journal_id_CSD            ? 
_citation.journal_id_ISSN           1520-5126 
_citation.journal_full              ? 
_citation.journal_issue             ? 
_citation.journal_volume            145 
_citation.language                  ? 
_citation.page_first                4853 
_citation.page_last                 4859 
_citation.title                     'Engineering DNA Crystals toward Studying DNA-Guest Molecule Interactions.' 
_citation.year                      2023 
_citation.database_id_CSD           ? 
_citation.pdbx_database_id_DOI      10.1021/jacs.3c00081 
_citation.pdbx_database_id_PubMed   36791277 
_citation.pdbx_database_id_patent   ? 
_citation.unpublished_flag          ? 
# 
loop_
_citation_author.citation_id 
_citation_author.name 
_citation_author.ordinal 
_citation_author.identifier_ORCID 
primary 'Zhang, C.'    1 ? 
primary 'Zhao, J.'     2 ? 
primary 'Lu, B.'       3 ? 
primary 'Seeman, N.C.' 4 ? 
primary 'Sha, R.'      5 ? 
primary 'Noinaj, N.'   6 ? 
primary 'Mao, C.'      7 ? 
# 
loop_
_entity.id 
_entity.type 
_entity.src_method 
_entity.pdbx_description 
_entity.formula_weight 
_entity.pdbx_number_of_molecules 
_entity.pdbx_ec 
_entity.pdbx_mutation 
_entity.pdbx_fragment 
_entity.details 
1 polymer syn 
;DNA (5'-D(*CP*GP*CP*TP*T)-3')
;
1470.998 1 ? ? ? ? 
2 polymer syn 
;DNA (5'-D(P*AP*AP*GP*GP*AP*A)-3')
;
1866.281 1 ? ? ? ? 
3 polymer syn 
;DNA (5'-D(P*TP*TP*CP*GP*C)-3')
;
1470.998 1 ? ? ? ? 
# 
loop_
_entity_poly.entity_id 
_entity_poly.type 
_entity_poly.nstd_linkage 
_entity_poly.nstd_monomer 
_entity_poly.pdbx_seq_one_letter_code 
_entity_poly.pdbx_seq_one_letter_code_can 
_entity_poly.pdbx_strand_id 
_entity_poly.pdbx_target_identifier 
1 polydeoxyribonucleotide no no '(DC)(DG)(DC)(DT)(DT)'     CGCTT  A ? 
2 polydeoxyribonucleotide no no '(DA)(DA)(DG)(DG)(DA)(DA)' AAGGAA C ? 
3 polydeoxyribonucleotide no no '(DT)(DT)(DC)(DG)(DC)'     TTCGC  B ? 
# 
loop_
_entity_poly_seq.entity_id 
_entity_poly_seq.num 
_entity_poly_seq.mon_id 
_entity_poly_seq.hetero 
1 1 DC n 
1 2 DG n 
1 3 DC n 
1 4 DT n 
1 5 DT n 
2 1 DA n 
2 2 DA n 
2 3 DG n 
2 4 DG n 
2 5 DA n 
2 6 DA n 
3 1 DT n 
3 2 DT n 
3 3 DC n 
3 4 DG n 
3 5 DC n 
# 
loop_
_pdbx_entity_src_syn.entity_id 
_pdbx_entity_src_syn.pdbx_src_id 
_pdbx_entity_src_syn.pdbx_alt_source_flag 
_pdbx_entity_src_syn.pdbx_beg_seq_num 
_pdbx_entity_src_syn.pdbx_end_seq_num 
_pdbx_entity_src_syn.organism_scientific 
_pdbx_entity_src_syn.organism_common_name 
_pdbx_entity_src_syn.ncbi_taxonomy_id 
_pdbx_entity_src_syn.details 
1 1 sample 1 5 'synthetic construct' ? 32630 ? 
2 1 sample 1 6 'synthetic construct' ? 32630 ? 
3 1 sample 1 5 'synthetic construct' ? 32630 ? 
# 
loop_
_chem_comp.id 
_chem_comp.type 
_chem_comp.mon_nstd_flag 
_chem_comp.name 
_chem_comp.pdbx_synonyms 
_chem_comp.formula 
_chem_comp.formula_weight 
DA 'DNA linking' y "2'-DEOXYADENOSINE-5'-MONOPHOSPHATE" ? 'C10 H14 N5 O6 P' 331.222 
DC 'DNA linking' y "2'-DEOXYCYTIDINE-5'-MONOPHOSPHATE"  ? 'C9 H14 N3 O7 P'  307.197 
DG 'DNA linking' y "2'-DEOXYGUANOSINE-5'-MONOPHOSPHATE" ? 'C10 H14 N5 O7 P' 347.221 
DT 'DNA linking' y "THYMIDINE-5'-MONOPHOSPHATE"         ? 'C10 H15 N2 O8 P' 322.208 
# 
loop_
_pdbx_poly_seq_scheme.asym_id 
_pdbx_poly_seq_scheme.entity_id 
_pdbx_poly_seq_scheme.seq_id 
_pdbx_poly_seq_scheme.mon_id 
_pdbx_poly_seq_scheme.ndb_seq_num 
_pdbx_poly_seq_scheme.pdb_seq_num 
_pdbx_poly_seq_scheme.auth_seq_num 
_pdbx_poly_seq_scheme.pdb_mon_id 
_pdbx_poly_seq_scheme.auth_mon_id 
_pdbx_poly_seq_scheme.pdb_strand_id 
_pdbx_poly_seq_scheme.pdb_ins_code 
_pdbx_poly_seq_scheme.hetero 
A 1 1 DC 1 1 1 DC DC A . n 
A 1 2 DG 2 2 2 DG DG A . n 
A 1 3 DC 3 3 3 DC DC A . n 
A 1 4 DT 4 4 4 DT DT A . n 
A 1 5 DT 5 5 5 DT DT A . n 
B 2 1 DA 1 1 1 DA DA C . n 
B 2 2 DA 2 2 2 DA DA C . n 
B 2 3 DG 3 3 3 DG DG C . n 
B 2 4 DG 4 4 4 DG DG C . n 
B 2 5 DA 5 5 5 DA DA C . n 
B 2 6 DA 6 6 6 DA DA C . n 
C 3 1 DT 1 1 1 DT DT B . n 
C 3 2 DT 2 2 2 DT DT B . n 
C 3 3 DC 3 3 3 DC DC B . n 
C 3 4 DG 4 4 4 DG DG B . n 
C 3 5 DC 5 5 5 DC DC B . n 
# 
loop_
_software.citation_id 
_software.classification 
_software.compiler_name 
_software.compiler_version 
_software.contact_author 
_software.contact_author_email 
_software.date 
_software.description 
_software.dependencies 
_software.hardware 
_software.language 
_software.location 
_software.mods 
_software.name 
_software.os 
_software.os_version 
_software.type 
_software.version 
_software.pdbx_ordinal 
? refinement       ? ? ? ? ? ? ? ? ? ? ? PHENIX    ? ? ? 1.20.1_4487 1 
? 'data reduction' ? ? ? ? ? ? ? ? ? ? ? autoPROC  ? ? ? .           2 
? 'data scaling'   ? ? ? ? ? ? ? ? ? ? ? STARANISO ? ? ? .           3 
? phasing          ? ? ? ? ? ? ? ? ? ? ? PHASER    ? ? ? .           4 
# 
_cell.angle_alpha                  90.000 
_cell.angle_alpha_esd              ? 
_cell.angle_beta                   90.000 
_cell.angle_beta_esd               ? 
_cell.angle_gamma                  90.000 
_cell.angle_gamma_esd              ? 
_cell.entry_id                     8F40 
_cell.details                      ? 
_cell.formula_units_Z              ? 
_cell.length_a                     36.785 
_cell.length_a_esd                 ? 
_cell.length_b                     36.785 
_cell.length_b_esd                 ? 
_cell.length_c                     103.334 
_cell.length_c_esd                 ? 
_cell.volume                       139824.979 
_cell.volume_esd                   ? 
_cell.Z_PDB                        8 
_cell.reciprocal_angle_alpha       ? 
_cell.reciprocal_angle_beta        ? 
_cell.reciprocal_angle_gamma       ? 
_cell.reciprocal_angle_alpha_esd   ? 
_cell.reciprocal_angle_beta_esd    ? 
_cell.reciprocal_angle_gamma_esd   ? 
_cell.reciprocal_length_a          ? 
_cell.reciprocal_length_b          ? 
_cell.reciprocal_length_c          ? 
_cell.reciprocal_length_a_esd      ? 
_cell.reciprocal_length_b_esd      ? 
_cell.reciprocal_length_c_esd      ? 
_cell.pdbx_unique_axis             ? 
_cell.pdbx_esd_method              ? 
# 
_symmetry.entry_id                         8F40 
_symmetry.cell_setting                     ? 
_symmetry.Int_Tables_number                95 
_symmetry.space_group_name_Hall            'P 4cw 2c' 
_symmetry.space_group_name_H-M             'P 43 2 2' 
_symmetry.pdbx_full_space_group_name_H-M   ? 
# 
_exptl.absorpt_coefficient_mu     ? 
_exptl.absorpt_correction_T_max   ? 
_exptl.absorpt_correction_T_min   ? 
_exptl.absorpt_correction_type    ? 
_exptl.absorpt_process_details    ? 
_exptl.entry_id                   8F40 
_exptl.crystals_number            1 
_exptl.details                    ? 
_exptl.method                     'X-RAY DIFFRACTION' 
_exptl.method_details             ? 
# 
_exptl_crystal.colour                       ? 
_exptl_crystal.density_diffrn               ? 
_exptl_crystal.density_Matthews             3.64 
_exptl_crystal.density_method               ? 
_exptl_crystal.density_percent_sol          66.16 
_exptl_crystal.description                  ? 
_exptl_crystal.F_000                        ? 
_exptl_crystal.id                           1 
_exptl_crystal.preparation                  ? 
_exptl_crystal.size_max                     ? 
_exptl_crystal.size_mid                     ? 
_exptl_crystal.size_min                     ? 
_exptl_crystal.size_rad                     ? 
_exptl_crystal.colour_lustre                ? 
_exptl_crystal.colour_modifier              ? 
_exptl_crystal.colour_primary               ? 
_exptl_crystal.density_meas                 ? 
_exptl_crystal.density_meas_esd             ? 
_exptl_crystal.density_meas_gt              ? 
_exptl_crystal.density_meas_lt              ? 
_exptl_crystal.density_meas_temp            ? 
_exptl_crystal.density_meas_temp_esd        ? 
_exptl_crystal.density_meas_temp_gt         ? 
_exptl_crystal.density_meas_temp_lt         ? 
_exptl_crystal.pdbx_crystal_image_url       ? 
_exptl_crystal.pdbx_crystal_image_format    ? 
_exptl_crystal.pdbx_mosaicity               ? 
_exptl_crystal.pdbx_mosaicity_esd           ? 
_exptl_crystal.pdbx_mosaic_method           ? 
_exptl_crystal.pdbx_mosaic_block_size       ? 
_exptl_crystal.pdbx_mosaic_block_size_esd   ? 
# 
_exptl_crystal_grow.apparatus       ? 
_exptl_crystal_grow.atmosphere      ? 
_exptl_crystal_grow.crystal_id      1 
_exptl_crystal_grow.details         ? 
_exptl_crystal_grow.method          'VAPOR DIFFUSION, HANGING DROP' 
_exptl_crystal_grow.method_ref      ? 
_exptl_crystal_grow.pH              ? 
_exptl_crystal_grow.pressure        ? 
_exptl_crystal_grow.pressure_esd    ? 
_exptl_crystal_grow.seeding         ? 
_exptl_crystal_grow.seeding_ref     ? 
_exptl_crystal_grow.temp            295 
_exptl_crystal_grow.temp_details    ? 
_exptl_crystal_grow.temp_esd        ? 
_exptl_crystal_grow.time            ? 
_exptl_crystal_grow.pdbx_details    
;30 uM
0.005 M magnesium sulfate hydrate, 0.005 M HEPES sodium pH 7.0, 0.16 M lithium sulfate monohydrate, 6 % MPD at pH 7.0
;
_exptl_crystal_grow.pdbx_pH_range   ? 
# 
_diffrn.ambient_environment              ? 
_diffrn.ambient_temp                     100 
_diffrn.ambient_temp_details             ? 
_diffrn.ambient_temp_esd                 ? 
_diffrn.crystal_id                       1 
_diffrn.crystal_support                  ? 
_diffrn.crystal_treatment                ? 
_diffrn.details                          ? 
_diffrn.id                               1 
_diffrn.ambient_pressure                 ? 
_diffrn.ambient_pressure_esd             ? 
_diffrn.ambient_pressure_gt              ? 
_diffrn.ambient_pressure_lt              ? 
_diffrn.ambient_temp_gt                  ? 
_diffrn.ambient_temp_lt                  ? 
_diffrn.pdbx_serial_crystal_experiment   N 
# 
_diffrn_detector.details                      ? 
_diffrn_detector.detector                     PIXEL 
_diffrn_detector.diffrn_id                    1 
_diffrn_detector.type                         'DECTRIS EIGER X 16M' 
_diffrn_detector.area_resol_mean              ? 
_diffrn_detector.dtime                        ? 
_diffrn_detector.pdbx_frames_total            ? 
_diffrn_detector.pdbx_collection_time_total   ? 
_diffrn_detector.pdbx_collection_date         2022-11-04 
_diffrn_detector.pdbx_frequency               ? 
# 
_diffrn_radiation.collimation                      ? 
_diffrn_radiation.diffrn_id                        1 
_diffrn_radiation.filter_edge                      ? 
_diffrn_radiation.inhomogeneity                    ? 
_diffrn_radiation.monochromator                    ? 
_diffrn_radiation.polarisn_norm                    ? 
_diffrn_radiation.polarisn_ratio                   ? 
_diffrn_radiation.probe                            ? 
_diffrn_radiation.type                             ? 
_diffrn_radiation.xray_symbol                      ? 
_diffrn_radiation.wavelength_id                    1 
_diffrn_radiation.pdbx_monochromatic_or_laue_m_l   M 
_diffrn_radiation.pdbx_wavelength_list             ? 
_diffrn_radiation.pdbx_wavelength                  ? 
_diffrn_radiation.pdbx_diffrn_protocol             'SINGLE WAVELENGTH' 
_diffrn_radiation.pdbx_analyzer                    ? 
_diffrn_radiation.pdbx_scattering_type             x-ray 
# 
_diffrn_radiation_wavelength.id           1 
_diffrn_radiation_wavelength.wavelength   1.03 
_diffrn_radiation_wavelength.wt           1.0 
# 
_diffrn_source.current                     ? 
_diffrn_source.details                     ? 
_diffrn_source.diffrn_id                   1 
_diffrn_source.power                       ? 
_diffrn_source.size                        ? 
_diffrn_source.source                      SYNCHROTRON 
_diffrn_source.target                      ? 
_diffrn_source.type                        'APS BEAMLINE 23-ID-B' 
_diffrn_source.voltage                     ? 
_diffrn_source.take-off_angle              ? 
_diffrn_source.pdbx_wavelength_list        1.03 
_diffrn_source.pdbx_wavelength             ? 
_diffrn_source.pdbx_synchrotron_beamline   23-ID-B 
_diffrn_source.pdbx_synchrotron_site       APS 
# 
_reflns.B_iso_Wilson_estimate                          ? 
_reflns.entry_id                                       8F40 
_reflns.data_reduction_details                         ? 
_reflns.data_reduction_method                          ? 
_reflns.d_resolution_high                              2.45 
_reflns.d_resolution_low                               36.78 
_reflns.details                                        ? 
_reflns.limit_h_max                                    ? 
_reflns.limit_h_min                                    ? 
_reflns.limit_k_max                                    ? 
_reflns.limit_k_min                                    ? 
_reflns.limit_l_max                                    ? 
_reflns.limit_l_min                                    ? 
_reflns.number_all                                     ? 
_reflns.number_obs                                     2497 
_reflns.observed_criterion                             ? 
_reflns.observed_criterion_F_max                       ? 
_reflns.observed_criterion_F_min                       ? 
_reflns.observed_criterion_I_max                       ? 
_reflns.observed_criterion_I_min                       ? 
_reflns.observed_criterion_sigma_F                     ? 
_reflns.observed_criterion_sigma_I                     ? 
_reflns.percent_possible_obs                           87.2 
_reflns.R_free_details                                 ? 
_reflns.Rmerge_F_all                                   ? 
_reflns.Rmerge_F_obs                                   ? 
_reflns.Friedel_coverage                               ? 
_reflns.number_gt                                      ? 
_reflns.threshold_expression                           ? 
_reflns.pdbx_redundancy                                10.5 
_reflns.pdbx_Rmerge_I_obs                              ? 
_reflns.pdbx_Rmerge_I_all                              ? 
_reflns.pdbx_Rsym_value                                ? 
_reflns.pdbx_netI_over_av_sigmaI                       ? 
_reflns.pdbx_netI_over_sigmaI                          14.1 
_reflns.pdbx_res_netI_over_av_sigmaI_2                 ? 
_reflns.pdbx_res_netI_over_sigmaI_2                    ? 
_reflns.pdbx_chi_squared                               ? 
_reflns.pdbx_scaling_rejects                           ? 
_reflns.pdbx_d_res_high_opt                            ? 
_reflns.pdbx_d_res_low_opt                             ? 
_reflns.pdbx_d_res_opt_method                          ? 
_reflns.phase_calculation_details                      ? 
_reflns.pdbx_Rrim_I_all                                ? 
_reflns.pdbx_Rpim_I_all                                ? 
_reflns.pdbx_d_opt                                     ? 
_reflns.pdbx_number_measured_all                       ? 
_reflns.pdbx_diffrn_id                                 1 
_reflns.pdbx_ordinal                                   1 
_reflns.pdbx_CC_half                                   1.00 
_reflns.pdbx_CC_star                                   ? 
_reflns.pdbx_R_split                                   ? 
_reflns.pdbx_aniso_diffraction_limit_axis_1_ortho[1]   ? 
_reflns.pdbx_aniso_diffraction_limit_axis_1_ortho[2]   ? 
_reflns.pdbx_aniso_diffraction_limit_axis_1_ortho[3]   ? 
_reflns.pdbx_aniso_diffraction_limit_axis_2_ortho[1]   ? 
_reflns.pdbx_aniso_diffraction_limit_axis_2_ortho[2]   ? 
_reflns.pdbx_aniso_diffraction_limit_axis_2_ortho[3]   ? 
_reflns.pdbx_aniso_diffraction_limit_axis_3_ortho[1]   ? 
_reflns.pdbx_aniso_diffraction_limit_axis_3_ortho[2]   ? 
_reflns.pdbx_aniso_diffraction_limit_axis_3_ortho[3]   ? 
_reflns.pdbx_aniso_diffraction_limit_1                 ? 
_reflns.pdbx_aniso_diffraction_limit_2                 ? 
_reflns.pdbx_aniso_diffraction_limit_3                 ? 
_reflns.pdbx_aniso_B_tensor_eigenvector_1_ortho[1]     ? 
_reflns.pdbx_aniso_B_tensor_eigenvector_1_ortho[2]     ? 
_reflns.pdbx_aniso_B_tensor_eigenvector_1_ortho[3]     ? 
_reflns.pdbx_aniso_B_tensor_eigenvector_2_ortho[1]     ? 
_reflns.pdbx_aniso_B_tensor_eigenvector_2_ortho[2]     ? 
_reflns.pdbx_aniso_B_tensor_eigenvector_2_ortho[3]     ? 
_reflns.pdbx_aniso_B_tensor_eigenvector_3_ortho[1]     ? 
_reflns.pdbx_aniso_B_tensor_eigenvector_3_ortho[2]     ? 
_reflns.pdbx_aniso_B_tensor_eigenvector_3_ortho[3]     ? 
_reflns.pdbx_aniso_B_tensor_eigenvalue_1               ? 
_reflns.pdbx_aniso_B_tensor_eigenvalue_2               ? 
_reflns.pdbx_aniso_B_tensor_eigenvalue_3               ? 
_reflns.pdbx_orthogonalization_convention              ? 
_reflns.pdbx_percent_possible_ellipsoidal              ? 
_reflns.pdbx_percent_possible_spherical                ? 
_reflns.pdbx_percent_possible_ellipsoidal_anomalous    ? 
_reflns.pdbx_percent_possible_spherical_anomalous      ? 
_reflns.pdbx_redundancy_anomalous                      ? 
_reflns.pdbx_CC_half_anomalous                         ? 
_reflns.pdbx_absDiff_over_sigma_anomalous              ? 
_reflns.pdbx_percent_possible_anomalous                ? 
_reflns.pdbx_observed_signal_threshold                 ? 
_reflns.pdbx_signal_type                               ? 
_reflns.pdbx_signal_details                            ? 
_reflns.pdbx_signal_software_id                        ? 
_reflns.pdbx_CC_split_method                           ? 
# 
_reflns_shell.d_res_high                                    2.450 
_reflns_shell.d_res_low                                     2.940 
_reflns_shell.meanI_over_sigI_all                           ? 
_reflns_shell.meanI_over_sigI_obs                           ? 
_reflns_shell.number_measured_all                           ? 
_reflns_shell.number_measured_obs                           ? 
_reflns_shell.number_possible                               ? 
_reflns_shell.number_unique_all                             ? 
_reflns_shell.number_unique_obs                             201 
_reflns_shell.percent_possible_all                          ? 
_reflns_shell.percent_possible_obs                          ? 
_reflns_shell.Rmerge_F_all                                  ? 
_reflns_shell.Rmerge_F_obs                                  ? 
_reflns_shell.Rmerge_I_all                                  ? 
_reflns_shell.Rmerge_I_obs                                  ? 
_reflns_shell.meanI_over_sigI_gt                            ? 
_reflns_shell.meanI_over_uI_all                             ? 
_reflns_shell.meanI_over_uI_gt                              ? 
_reflns_shell.number_measured_gt                            ? 
_reflns_shell.number_unique_gt                              ? 
_reflns_shell.percent_possible_gt                           ? 
_reflns_shell.Rmerge_F_gt                                   ? 
_reflns_shell.Rmerge_I_gt                                   ? 
_reflns_shell.pdbx_redundancy                               10.7 
_reflns_shell.pdbx_Rsym_value                               ? 
_reflns_shell.pdbx_chi_squared                              ? 
_reflns_shell.pdbx_netI_over_sigmaI_all                     ? 
_reflns_shell.pdbx_netI_over_sigmaI_obs                     ? 
_reflns_shell.pdbx_Rrim_I_all                               ? 
_reflns_shell.pdbx_Rpim_I_all                               ? 
_reflns_shell.pdbx_rejects                                  ? 
_reflns_shell.pdbx_ordinal                                  1 
_reflns_shell.pdbx_diffrn_id                                1 
_reflns_shell.pdbx_CC_half                                  0.951 
_reflns_shell.pdbx_CC_star                                  ? 
_reflns_shell.pdbx_R_split                                  ? 
_reflns_shell.pdbx_percent_possible_ellipsoidal             ? 
_reflns_shell.pdbx_percent_possible_spherical               ? 
_reflns_shell.pdbx_percent_possible_ellipsoidal_anomalous   ? 
_reflns_shell.pdbx_percent_possible_spherical_anomalous     ? 
_reflns_shell.pdbx_redundancy_anomalous                     ? 
_reflns_shell.pdbx_CC_half_anomalous                        ? 
_reflns_shell.pdbx_absDiff_over_sigma_anomalous             ? 
_reflns_shell.pdbx_percent_possible_anomalous               ? 
# 
_refine.aniso_B[1][1]                            ? 
_refine.aniso_B[1][2]                            ? 
_refine.aniso_B[1][3]                            ? 
_refine.aniso_B[2][2]                            ? 
_refine.aniso_B[2][3]                            ? 
_refine.aniso_B[3][3]                            ? 
_refine.B_iso_max                                ? 
_refine.B_iso_mean                               35.57 
_refine.B_iso_min                                ? 
_refine.correlation_coeff_Fo_to_Fc               ? 
_refine.correlation_coeff_Fo_to_Fc_free          ? 
_refine.details                                  ? 
_refine.diff_density_max                         ? 
_refine.diff_density_max_esd                     ? 
_refine.diff_density_min                         ? 
_refine.diff_density_min_esd                     ? 
_refine.diff_density_rms                         ? 
_refine.diff_density_rms_esd                     ? 
_refine.entry_id                                 8F40 
_refine.pdbx_refine_id                           'X-RAY DIFFRACTION' 
_refine.ls_abs_structure_details                 ? 
_refine.ls_abs_structure_Flack                   ? 
_refine.ls_abs_structure_Flack_esd               ? 
_refine.ls_abs_structure_Rogers                  ? 
_refine.ls_abs_structure_Rogers_esd              ? 
_refine.ls_d_res_high                            2.45 
_refine.ls_d_res_low                             36.78 
_refine.ls_extinction_coef                       ? 
_refine.ls_extinction_coef_esd                   ? 
_refine.ls_extinction_expression                 ? 
_refine.ls_extinction_method                     ? 
_refine.ls_goodness_of_fit_all                   ? 
_refine.ls_goodness_of_fit_all_esd               ? 
_refine.ls_goodness_of_fit_obs                   ? 
_refine.ls_goodness_of_fit_obs_esd               ? 
_refine.ls_hydrogen_treatment                    ? 
_refine.ls_matrix_type                           ? 
_refine.ls_number_constraints                    ? 
_refine.ls_number_parameters                     ? 
_refine.ls_number_reflns_all                     ? 
_refine.ls_number_reflns_obs                     2497 
_refine.ls_number_reflns_R_free                  125 
_refine.ls_number_reflns_R_work                  2372 
_refine.ls_number_restraints                     ? 
_refine.ls_percent_reflns_obs                    49.93 
_refine.ls_percent_reflns_R_free                 5.01 
_refine.ls_R_factor_all                          ? 
_refine.ls_R_factor_obs                          0.2266 
_refine.ls_R_factor_R_free                       0.2638 
_refine.ls_R_factor_R_free_error                 ? 
_refine.ls_R_factor_R_free_error_details         ? 
_refine.ls_R_factor_R_work                       0.2243 
_refine.ls_R_Fsqd_factor_obs                     ? 
_refine.ls_R_I_factor_obs                        ? 
_refine.ls_redundancy_reflns_all                 ? 
_refine.ls_redundancy_reflns_obs                 ? 
_refine.ls_restrained_S_all                      ? 
_refine.ls_restrained_S_obs                      ? 
_refine.ls_shift_over_esd_max                    ? 
_refine.ls_shift_over_esd_mean                   ? 
_refine.ls_structure_factor_coef                 ? 
_refine.ls_weighting_details                     ? 
_refine.ls_weighting_scheme                      ? 
_refine.ls_wR_factor_all                         ? 
_refine.ls_wR_factor_obs                         ? 
_refine.ls_wR_factor_R_free                      ? 
_refine.ls_wR_factor_R_work                      ? 
_refine.occupancy_max                            ? 
_refine.occupancy_min                            ? 
_refine.solvent_model_details                    'FLAT BULK SOLVENT MODEL' 
_refine.solvent_model_param_bsol                 ? 
_refine.solvent_model_param_ksol                 ? 
_refine.pdbx_R_complete                          ? 
_refine.ls_R_factor_gt                           ? 
_refine.ls_goodness_of_fit_gt                    ? 
_refine.ls_goodness_of_fit_ref                   ? 
_refine.ls_shift_over_su_max                     ? 
_refine.ls_shift_over_su_max_lt                  ? 
_refine.ls_shift_over_su_mean                    ? 
_refine.ls_shift_over_su_mean_lt                 ? 
_refine.pdbx_ls_sigma_I                          ? 
_refine.pdbx_ls_sigma_F                          1.34 
_refine.pdbx_ls_sigma_Fsqd                       ? 
_refine.pdbx_data_cutoff_high_absF               ? 
_refine.pdbx_data_cutoff_high_rms_absF           ? 
_refine.pdbx_data_cutoff_low_absF                ? 
_refine.pdbx_isotropic_thermal_model             ? 
_refine.pdbx_ls_cross_valid_method               'FREE R-VALUE' 
_refine.pdbx_method_to_determine_struct          'MOLECULAR REPLACEMENT' 
_refine.pdbx_starting_model                      'ideal B type DNA duplexes generated in Cadnano' 
_refine.pdbx_stereochemistry_target_values       'GeoStd + Monomer Library + CDL v1.2' 
_refine.pdbx_R_Free_selection_details            ? 
_refine.pdbx_stereochem_target_val_spec_case     ? 
_refine.pdbx_overall_ESU_R                       ? 
_refine.pdbx_overall_ESU_R_Free                  ? 
_refine.pdbx_solvent_vdw_probe_radii             1.1000 
_refine.pdbx_solvent_ion_probe_radii             ? 
_refine.pdbx_solvent_shrinkage_radii             0.9000 
_refine.pdbx_real_space_R                        ? 
_refine.pdbx_density_correlation                 ? 
_refine.pdbx_pd_number_of_powder_patterns        ? 
_refine.pdbx_pd_number_of_points                 ? 
_refine.pdbx_pd_meas_number_of_points            ? 
_refine.pdbx_pd_proc_ls_prof_R_factor            ? 
_refine.pdbx_pd_proc_ls_prof_wR_factor           ? 
_refine.pdbx_pd_Marquardt_correlation_coeff      ? 
_refine.pdbx_pd_Fsqrd_R_factor                   ? 
_refine.pdbx_pd_ls_matrix_band_width             ? 
_refine.pdbx_overall_phase_error                 23.3921 
_refine.pdbx_overall_SU_R_free_Cruickshank_DPI   ? 
_refine.pdbx_overall_SU_R_free_Blow_DPI          ? 
_refine.pdbx_overall_SU_R_Blow_DPI               ? 
_refine.pdbx_TLS_residual_ADP_flag               ? 
_refine.pdbx_diffrn_id                           1 
_refine.overall_SU_B                             ? 
_refine.overall_SU_ML                            0.1465 
_refine.overall_SU_R_Cruickshank_DPI             ? 
_refine.overall_SU_R_free                        ? 
_refine.overall_FOM_free_R_set                   ? 
_refine.overall_FOM_work_R_set                   ? 
_refine.pdbx_average_fsc_overall                 ? 
_refine.pdbx_average_fsc_work                    ? 
_refine.pdbx_average_fsc_free                    ? 
# 
_refine_hist.pdbx_refine_id                   'X-RAY DIFFRACTION' 
_refine_hist.cycle_id                         LAST 
_refine_hist.details                          ? 
_refine_hist.d_res_high                       2.45 
_refine_hist.d_res_low                        36.78 
_refine_hist.number_atoms_solvent             0 
_refine_hist.number_atoms_total               325 
_refine_hist.number_reflns_all                ? 
_refine_hist.number_reflns_obs                ? 
_refine_hist.number_reflns_R_free             ? 
_refine_hist.number_reflns_R_work             ? 
_refine_hist.R_factor_all                     ? 
_refine_hist.R_factor_obs                     ? 
_refine_hist.R_factor_R_free                  ? 
_refine_hist.R_factor_R_work                  ? 
_refine_hist.pdbx_number_residues_total       ? 
_refine_hist.pdbx_B_iso_mean_ligand           ? 
_refine_hist.pdbx_B_iso_mean_solvent          ? 
_refine_hist.pdbx_number_atoms_protein        0 
_refine_hist.pdbx_number_atoms_nucleic_acid   325 
_refine_hist.pdbx_number_atoms_ligand         0 
_refine_hist.pdbx_number_atoms_lipid          ? 
_refine_hist.pdbx_number_atoms_carb           ? 
_refine_hist.pdbx_pseudo_atom_details         ? 
# 
loop_
_refine_ls_restr.pdbx_refine_id 
_refine_ls_restr.criterion 
_refine_ls_restr.dev_ideal 
_refine_ls_restr.dev_ideal_target 
_refine_ls_restr.number 
_refine_ls_restr.rejects 
_refine_ls_restr.type 
_refine_ls_restr.weight 
_refine_ls_restr.pdbx_restraint_function 
'X-RAY DIFFRACTION' ? 0.0117  ? 362 ? f_bond_d           ? ? 
'X-RAY DIFFRACTION' ? 1.4230  ? 552 ? f_angle_d          ? ? 
'X-RAY DIFFRACTION' ? 0.0619  ? 63  ? f_chiral_restr     ? ? 
'X-RAY DIFFRACTION' ? 0.0079  ? 16  ? f_plane_restr      ? ? 
'X-RAY DIFFRACTION' ? 37.1926 ? 150 ? f_dihedral_angle_d ? ? 
# 
_refine_ls_shell.pdbx_refine_id                   'X-RAY DIFFRACTION' 
_refine_ls_shell.d_res_high                       2.45 
_refine_ls_shell.d_res_low                        36.78 
_refine_ls_shell.number_reflns_all                ? 
_refine_ls_shell.number_reflns_obs                ? 
_refine_ls_shell.number_reflns_R_free             125 
_refine_ls_shell.number_reflns_R_work             2372 
_refine_ls_shell.percent_reflns_obs               49.93 
_refine_ls_shell.percent_reflns_R_free            ? 
_refine_ls_shell.R_factor_all                     ? 
_refine_ls_shell.R_factor_obs                     ? 
_refine_ls_shell.R_factor_R_free                  0.2638 
_refine_ls_shell.R_factor_R_free_error            ? 
_refine_ls_shell.R_factor_R_work                  0.2243 
_refine_ls_shell.redundancy_reflns_all            ? 
_refine_ls_shell.redundancy_reflns_obs            ? 
_refine_ls_shell.wR_factor_all                    ? 
_refine_ls_shell.wR_factor_obs                    ? 
_refine_ls_shell.wR_factor_R_free                 ? 
_refine_ls_shell.wR_factor_R_work                 ? 
_refine_ls_shell.pdbx_R_complete                  ? 
_refine_ls_shell.pdbx_total_number_of_bins_used   ? 
_refine_ls_shell.pdbx_phase_error                 ? 
_refine_ls_shell.pdbx_fsc_work                    ? 
_refine_ls_shell.pdbx_fsc_free                    ? 
# 
_struct.entry_id                     8F40 
_struct.title                        'Engineering Crystals with Tunable Symmetries from 14- or 16-Base-Long DNA Strands' 
_struct.pdbx_model_details           ? 
_struct.pdbx_formula_weight          ? 
_struct.pdbx_formula_weight_method   ? 
_struct.pdbx_model_type_details      ? 
_struct.pdbx_CASP_flag               N 
# 
_struct_keywords.entry_id        8F40 
_struct_keywords.text            'DNA, Four-Fold Rotational Axis, Left-Handed, Parallel' 
_struct_keywords.pdbx_keywords   DNA 
# 
loop_
_struct_asym.id 
_struct_asym.pdbx_blank_PDB_chainid_flag 
_struct_asym.pdbx_modified 
_struct_asym.entity_id 
_struct_asym.details 
A N N 1 ? 
B N N 2 ? 
C N N 3 ? 
# 
loop_
_struct_ref.id 
_struct_ref.db_name 
_struct_ref.db_code 
_struct_ref.pdbx_db_accession 
_struct_ref.pdbx_db_isoform 
_struct_ref.entity_id 
_struct_ref.pdbx_seq_one_letter_code 
_struct_ref.pdbx_align_begin 
1 PDB 8F40 8F40 ? 1 ? 1 
2 PDB 8F40 8F40 ? 2 ? 1 
3 PDB 8F40 8F40 ? 3 ? 1 
# 
loop_
_struct_ref_seq.align_id 
_struct_ref_seq.ref_id 
_struct_ref_seq.pdbx_PDB_id_code 
_struct_ref_seq.pdbx_strand_id 
_struct_ref_seq.seq_align_beg 
_struct_ref_seq.pdbx_seq_align_beg_ins_code 
_struct_ref_seq.seq_align_end 
_struct_ref_seq.pdbx_seq_align_end_ins_code 
_struct_ref_seq.pdbx_db_accession 
_struct_ref_seq.db_align_beg 
_struct_ref_seq.pdbx_db_align_beg_ins_code 
_struct_ref_seq.db_align_end 
_struct_ref_seq.pdbx_db_align_end_ins_code 
_struct_ref_seq.pdbx_auth_seq_align_beg 
_struct_ref_seq.pdbx_auth_seq_align_end 
1 1 8F40 A 1 ? 5 ? 8F40 1 ? 5 ? 1 5 
2 2 8F40 C 1 ? 6 ? 8F40 1 ? 6 ? 1 6 
3 3 8F40 B 1 ? 5 ? 8F40 1 ? 5 ? 1 5 
# 
_pdbx_struct_assembly.id                   1 
_pdbx_struct_assembly.details              author_defined_assembly 
_pdbx_struct_assembly.method_details       ? 
_pdbx_struct_assembly.oligomeric_details   trimeric 
_pdbx_struct_assembly.oligomeric_count     3 
# 
_pdbx_struct_assembly_gen.assembly_id       1 
_pdbx_struct_assembly_gen.oper_expression   1 
_pdbx_struct_assembly_gen.asym_id_list      A,B,C 
# 
_pdbx_struct_assembly_auth_evidence.id                     1 
_pdbx_struct_assembly_auth_evidence.assembly_id            1 
_pdbx_struct_assembly_auth_evidence.experimental_support   'native gel electrophoresis' 
_pdbx_struct_assembly_auth_evidence.details                ? 
# 
_pdbx_struct_oper_list.id                   1 
_pdbx_struct_oper_list.type                 'identity operation' 
_pdbx_struct_oper_list.name                 1_555 
_pdbx_struct_oper_list.symmetry_operation   x,y,z 
_pdbx_struct_oper_list.matrix[1][1]         1.0000000000 
_pdbx_struct_oper_list.matrix[1][2]         0.0000000000 
_pdbx_struct_oper_list.matrix[1][3]         0.0000000000 
_pdbx_struct_oper_list.vector[1]            0.0000000000 
_pdbx_struct_oper_list.matrix[2][1]         0.0000000000 
_pdbx_struct_oper_list.matrix[2][2]         1.0000000000 
_pdbx_struct_oper_list.matrix[2][3]         0.0000000000 
_pdbx_struct_oper_list.vector[2]            0.0000000000 
_pdbx_struct_oper_list.matrix[3][1]         0.0000000000 
_pdbx_struct_oper_list.matrix[3][2]         0.0000000000 
_pdbx_struct_oper_list.matrix[3][3]         1.0000000000 
_pdbx_struct_oper_list.vector[3]            0.0000000000 
# 
loop_
_struct_conn.id 
_struct_conn.conn_type_id 
_struct_conn.pdbx_leaving_atom_flag 
_struct_conn.pdbx_PDB_id 
_struct_conn.ptnr1_label_asym_id 
_struct_conn.ptnr1_label_comp_id 
_struct_conn.ptnr1_label_seq_id 
_struct_conn.ptnr1_label_atom_id 
_struct_conn.pdbx_ptnr1_label_alt_id 
_struct_conn.pdbx_ptnr1_PDB_ins_code 
_struct_conn.pdbx_ptnr1_standard_comp_id 
_struct_conn.ptnr1_symmetry 
_struct_conn.ptnr2_label_asym_id 
_struct_conn.ptnr2_label_comp_id 
_struct_conn.ptnr2_label_seq_id 
_struct_conn.ptnr2_label_atom_id 
_struct_conn.pdbx_ptnr2_label_alt_id 
_struct_conn.pdbx_ptnr2_PDB_ins_code 
_struct_conn.ptnr1_auth_asym_id 
_struct_conn.ptnr1_auth_comp_id 
_struct_conn.ptnr1_auth_seq_id 
_struct_conn.ptnr2_auth_asym_id 
_struct_conn.ptnr2_auth_comp_id 
_struct_conn.ptnr2_auth_seq_id 
_struct_conn.ptnr2_symmetry 
_struct_conn.pdbx_ptnr3_label_atom_id 
_struct_conn.pdbx_ptnr3_label_seq_id 
_struct_conn.pdbx_ptnr3_label_comp_id 
_struct_conn.pdbx_ptnr3_label_asym_id 
_struct_conn.pdbx_ptnr3_label_alt_id 
_struct_conn.pdbx_ptnr3_PDB_ins_code 
_struct_conn.details 
_struct_conn.pdbx_dist_value 
_struct_conn.pdbx_value_order 
_struct_conn.pdbx_role 
hydrog1  hydrog ? ? A DC 3 N3 ? ? ? 1_555 B DG 3 N1 ? ? A DC 3 C DG 3 1_555 ? ? ? ? ? ? WATSON-CRICK ? ? ? 
hydrog2  hydrog ? ? A DC 3 N4 ? ? ? 1_555 B DG 3 O6 ? ? A DC 3 C DG 3 1_555 ? ? ? ? ? ? WATSON-CRICK ? ? ? 
hydrog3  hydrog ? ? A DC 3 O2 ? ? ? 1_555 B DG 3 N2 ? ? A DC 3 C DG 3 1_555 ? ? ? ? ? ? WATSON-CRICK ? ? ? 
hydrog4  hydrog ? ? A DT 4 N3 ? ? ? 1_555 B DA 2 N1 ? ? A DT 4 C DA 2 1_555 ? ? ? ? ? ? WATSON-CRICK ? ? ? 
hydrog5  hydrog ? ? A DT 4 O4 ? ? ? 1_555 B DA 2 N6 ? ? A DT 4 C DA 2 1_555 ? ? ? ? ? ? WATSON-CRICK ? ? ? 
hydrog6  hydrog ? ? A DT 5 N3 ? ? ? 1_555 B DA 1 N1 ? ? A DT 5 C DA 1 1_555 ? ? ? ? ? ? WATSON-CRICK ? ? ? 
hydrog7  hydrog ? ? A DT 5 O4 ? ? ? 1_555 B DA 1 N6 ? ? A DT 5 C DA 1 1_555 ? ? ? ? ? ? WATSON-CRICK ? ? ? 
hydrog8  hydrog ? ? B DG 4 N1 ? ? ? 1_555 C DC 3 N3 ? ? C DG 4 B DC 3 1_555 ? ? ? ? ? ? WATSON-CRICK ? ? ? 
hydrog9  hydrog ? ? B DG 4 N2 ? ? ? 1_555 C DC 3 O2 ? ? C DG 4 B DC 3 1_555 ? ? ? ? ? ? WATSON-CRICK ? ? ? 
hydrog10 hydrog ? ? B DG 4 O6 ? ? ? 1_555 C DC 3 N4 ? ? C DG 4 B DC 3 1_555 ? ? ? ? ? ? WATSON-CRICK ? ? ? 
hydrog11 hydrog ? ? B DA 5 N1 ? ? ? 1_555 C DT 2 N3 ? ? C DA 5 B DT 2 1_555 ? ? ? ? ? ? WATSON-CRICK ? ? ? 
hydrog12 hydrog ? ? B DA 5 N6 ? ? ? 1_555 C DT 2 O4 ? ? C DA 5 B DT 2 1_555 ? ? ? ? ? ? WATSON-CRICK ? ? ? 
hydrog13 hydrog ? ? B DA 6 N1 ? ? ? 1_555 C DT 1 N3 ? ? C DA 6 B DT 1 1_555 ? ? ? ? ? ? WATSON-CRICK ? ? ? 
hydrog14 hydrog ? ? B DA 6 N6 ? ? ? 1_555 C DT 1 O4 ? ? C DA 6 B DT 1 1_555 ? ? ? ? ? ? WATSON-CRICK ? ? ? 
# 
_struct_conn_type.id          hydrog 
_struct_conn_type.criteria    ? 
_struct_conn_type.reference   ? 
# 
loop_
_pdbx_validate_symm_contact.id 
_pdbx_validate_symm_contact.PDB_model_num 
_pdbx_validate_symm_contact.auth_atom_id_1 
_pdbx_validate_symm_contact.auth_asym_id_1 
_pdbx_validate_symm_contact.auth_comp_id_1 
_pdbx_validate_symm_contact.auth_seq_id_1 
_pdbx_validate_symm_contact.PDB_ins_code_1 
_pdbx_validate_symm_contact.label_alt_id_1 
_pdbx_validate_symm_contact.site_symmetry_1 
_pdbx_validate_symm_contact.auth_atom_id_2 
_pdbx_validate_symm_contact.auth_asym_id_2 
_pdbx_validate_symm_contact.auth_comp_id_2 
_pdbx_validate_symm_contact.auth_seq_id_2 
_pdbx_validate_symm_contact.PDB_ins_code_2 
_pdbx_validate_symm_contact.label_alt_id_2 
_pdbx_validate_symm_contact.site_symmetry_2 
_pdbx_validate_symm_contact.dist 
1 1 "O3'" A DT 5 ? ? 1_555 P     C DA 1 ? ? 8_554 1.60 
2 1 "O3'" C DA 6 ? ? 1_555 P     B DT 1 ? ? 8_554 1.60 
3 1 "O3'" A DT 5 ? ? 1_555 "O5'" C DA 1 ? ? 8_554 1.91 
# 
loop_
_pdbx_validate_rmsd_bond.id 
_pdbx_validate_rmsd_bond.PDB_model_num 
_pdbx_validate_rmsd_bond.auth_atom_id_1 
_pdbx_validate_rmsd_bond.auth_asym_id_1 
_pdbx_validate_rmsd_bond.auth_comp_id_1 
_pdbx_validate_rmsd_bond.auth_seq_id_1 
_pdbx_validate_rmsd_bond.PDB_ins_code_1 
_pdbx_validate_rmsd_bond.label_alt_id_1 
_pdbx_validate_rmsd_bond.auth_atom_id_2 
_pdbx_validate_rmsd_bond.auth_asym_id_2 
_pdbx_validate_rmsd_bond.auth_comp_id_2 
_pdbx_validate_rmsd_bond.auth_seq_id_2 
_pdbx_validate_rmsd_bond.PDB_ins_code_2 
_pdbx_validate_rmsd_bond.label_alt_id_2 
_pdbx_validate_rmsd_bond.bond_value 
_pdbx_validate_rmsd_bond.bond_target_value 
_pdbx_validate_rmsd_bond.bond_deviation 
_pdbx_validate_rmsd_bond.bond_standard_deviation 
_pdbx_validate_rmsd_bond.linker_flag 
1 1 "O3'" C DA 1 ? ? "C3'" C DA 1 ? ? 1.379 1.419 -0.040 0.006 N 
2 1 "O3'" C DG 3 ? ? "C3'" C DG 3 ? ? 1.365 1.419 -0.054 0.006 N 
# 
loop_
_pdbx_validate_rmsd_angle.id 
_pdbx_validate_rmsd_angle.PDB_model_num 
_pdbx_validate_rmsd_angle.auth_atom_id_1 
_pdbx_validate_rmsd_angle.auth_asym_id_1 
_pdbx_validate_rmsd_angle.auth_comp_id_1 
_pdbx_validate_rmsd_angle.auth_seq_id_1 
_pdbx_validate_rmsd_angle.PDB_ins_code_1 
_pdbx_validate_rmsd_angle.label_alt_id_1 
_pdbx_validate_rmsd_angle.auth_atom_id_2 
_pdbx_validate_rmsd_angle.auth_asym_id_2 
_pdbx_validate_rmsd_angle.auth_comp_id_2 
_pdbx_validate_rmsd_angle.auth_seq_id_2 
_pdbx_validate_rmsd_angle.PDB_ins_code_2 
_pdbx_validate_rmsd_angle.label_alt_id_2 
_pdbx_validate_rmsd_angle.auth_atom_id_3 
_pdbx_validate_rmsd_angle.auth_asym_id_3 
_pdbx_validate_rmsd_angle.auth_comp_id_3 
_pdbx_validate_rmsd_angle.auth_seq_id_3 
_pdbx_validate_rmsd_angle.PDB_ins_code_3 
_pdbx_validate_rmsd_angle.label_alt_id_3 
_pdbx_validate_rmsd_angle.angle_value 
_pdbx_validate_rmsd_angle.angle_target_value 
_pdbx_validate_rmsd_angle.angle_deviation 
_pdbx_validate_rmsd_angle.angle_standard_deviation 
_pdbx_validate_rmsd_angle.linker_flag 
1 1 "O4'" A DT 5 ? ? "C1'" A DT 5 ? ? N1 A DT 5 ? ? 111.52 108.30 3.22 0.30 N 
2 1 "O4'" B DC 5 ? ? "C1'" B DC 5 ? ? N1 B DC 5 ? ? 110.61 108.30 2.31 0.30 N 
# 
loop_
_space_group_symop.id 
_space_group_symop.operation_xyz 
1 x,y,z        
2 -y,x,z+3/4   
3 y,-x,z+1/4   
4 x,-y,-z+1/2  
5 -x,y,-z      
6 -x,-y,z+1/2  
7 y,x,-z+1/4   
8 -y,-x,-z+3/4 
# 
_pdbx_refine_tls.id               1 
_pdbx_refine_tls.pdbx_refine_id   'X-RAY DIFFRACTION' 
_pdbx_refine_tls.details          ? 
_pdbx_refine_tls.method           refined 
_pdbx_refine_tls.origin_x         0.01893769208 
_pdbx_refine_tls.origin_y         -0.0525472975 
_pdbx_refine_tls.origin_z         0.03988269823 
_pdbx_refine_tls.T[1][1]          0.084396294417 
_pdbx_refine_tls.T[1][1]_esd      ? 
_pdbx_refine_tls.T[1][2]          0.038516189557 
_pdbx_refine_tls.T[1][2]_esd      ? 
_pdbx_refine_tls.T[1][3]          0.017498675982 
_pdbx_refine_tls.T[1][3]_esd      ? 
_pdbx_refine_tls.T[2][2]          0.247295856050 
_pdbx_refine_tls.T[2][2]_esd      ? 
_pdbx_refine_tls.T[2][3]          0.069038987903 
_pdbx_refine_tls.T[2][3]_esd      ? 
_pdbx_refine_tls.T[3][3]          0.140244247985 
_pdbx_refine_tls.T[3][3]_esd      ? 
_pdbx_refine_tls.L[1][1]          1.85166180330 
_pdbx_refine_tls.L[1][1]_esd      ? 
_pdbx_refine_tls.L[1][2]          0.07811776181 
_pdbx_refine_tls.L[1][2]_esd      ? 
_pdbx_refine_tls.L[1][3]          -0.131049370931 
_pdbx_refine_tls.L[1][3]_esd      ? 
_pdbx_refine_tls.L[2][2]          0.90791547586 
_pdbx_refine_tls.L[2][2]_esd      ? 
_pdbx_refine_tls.L[2][3]          -0.223197264059 
_pdbx_refine_tls.L[2][3]_esd      ? 
_pdbx_refine_tls.L[3][3]          1.31010568049 
_pdbx_refine_tls.L[3][3]_esd      ? 
_pdbx_refine_tls.S[1][1]          0.24541311967 
_pdbx_refine_tls.S[1][1]_esd      ? 
_pdbx_refine_tls.S[1][2]          0.075159139961 
_pdbx_refine_tls.S[1][2]_esd      ? 
_pdbx_refine_tls.S[1][3]          0.446421028222 
_pdbx_refine_tls.S[1][3]_esd      ? 
_pdbx_refine_tls.S[2][1]          -0.022966285447 
_pdbx_refine_tls.S[2][1]_esd      ? 
_pdbx_refine_tls.S[2][2]          0.260344477648 
_pdbx_refine_tls.S[2][2]_esd      ? 
_pdbx_refine_tls.S[2][3]          0.064632930700 
_pdbx_refine_tls.S[2][3]_esd      ? 
_pdbx_refine_tls.S[3][1]          0.382033316870 
_pdbx_refine_tls.S[3][1]_esd      ? 
_pdbx_refine_tls.S[3][2]          -0.355549673940 
_pdbx_refine_tls.S[3][2]_esd      ? 
_pdbx_refine_tls.S[3][3]          1.19772786317 
_pdbx_refine_tls.S[3][3]_esd      ? 
# 
_pdbx_refine_tls_group.id                  1 
_pdbx_refine_tls_group.pdbx_refine_id      'X-RAY DIFFRACTION' 
_pdbx_refine_tls_group.refine_tls_id       1 
_pdbx_refine_tls_group.beg_label_asym_id   A 
_pdbx_refine_tls_group.beg_label_seq_id    ? 
_pdbx_refine_tls_group.beg_auth_asym_id    A 
_pdbx_refine_tls_group.beg_auth_seq_id     1 
_pdbx_refine_tls_group.beg_PDB_ins_code    ? 
_pdbx_refine_tls_group.end_label_asym_id   C 
_pdbx_refine_tls_group.end_label_seq_id    ? 
_pdbx_refine_tls_group.end_auth_asym_id    B 
_pdbx_refine_tls_group.end_auth_seq_id     5 
_pdbx_refine_tls_group.end_PDB_ins_code    ? 
_pdbx_refine_tls_group.selection           ? 
_pdbx_refine_tls_group.selection_details   all 
# 
loop_
_chem_comp_atom.comp_id 
_chem_comp_atom.atom_id 
_chem_comp_atom.type_symbol 
_chem_comp_atom.pdbx_aromatic_flag 
_chem_comp_atom.pdbx_stereo_config 
_chem_comp_atom.pdbx_ordinal 
DA OP3    O N N 1   
DA P      P N N 2   
DA OP1    O N N 3   
DA OP2    O N N 4   
DA "O5'"  O N N 5   
DA "C5'"  C N N 6   
DA "C4'"  C N R 7   
DA "O4'"  O N N 8   
DA "C3'"  C N S 9   
DA "O3'"  O N N 10  
DA "C2'"  C N N 11  
DA "C1'"  C N R 12  
DA N9     N Y N 13  
DA C8     C Y N 14  
DA N7     N Y N 15  
DA C5     C Y N 16  
DA C6     C Y N 17  
DA N6     N N N 18  
DA N1     N Y N 19  
DA C2     C Y N 20  
DA N3     N Y N 21  
DA C4     C Y N 22  
DA HOP3   H N N 23  
DA HOP2   H N N 24  
DA "H5'"  H N N 25  
DA "H5''" H N N 26  
DA "H4'"  H N N 27  
DA "H3'"  H N N 28  
DA "HO3'" H N N 29  
DA "H2'"  H N N 30  
DA "H2''" H N N 31  
DA "H1'"  H N N 32  
DA H8     H N N 33  
DA H61    H N N 34  
DA H62    H N N 35  
DA H2     H N N 36  
DC OP3    O N N 37  
DC P      P N N 38  
DC OP1    O N N 39  
DC OP2    O N N 40  
DC "O5'"  O N N 41  
DC "C5'"  C N N 42  
DC "C4'"  C N R 43  
DC "O4'"  O N N 44  
DC "C3'"  C N S 45  
DC "O3'"  O N N 46  
DC "C2'"  C N N 47  
DC "C1'"  C N R 48  
DC N1     N N N 49  
DC C2     C N N 50  
DC O2     O N N 51  
DC N3     N N N 52  
DC C4     C N N 53  
DC N4     N N N 54  
DC C5     C N N 55  
DC C6     C N N 56  
DC HOP3   H N N 57  
DC HOP2   H N N 58  
DC "H5'"  H N N 59  
DC "H5''" H N N 60  
DC "H4'"  H N N 61  
DC "H3'"  H N N 62  
DC "HO3'" H N N 63  
DC "H2'"  H N N 64  
DC "H2''" H N N 65  
DC "H1'"  H N N 66  
DC H41    H N N 67  
DC H42    H N N 68  
DC H5     H N N 69  
DC H6     H N N 70  
DG OP3    O N N 71  
DG P      P N N 72  
DG OP1    O N N 73  
DG OP2    O N N 74  
DG "O5'"  O N N 75  
DG "C5'"  C N N 76  
DG "C4'"  C N R 77  
DG "O4'"  O N N 78  
DG "C3'"  C N S 79  
DG "O3'"  O N N 80  
DG "C2'"  C N N 81  
DG "C1'"  C N R 82  
DG N9     N Y N 83  
DG C8     C Y N 84  
DG N7     N Y N 85  
DG C5     C Y N 86  
DG C6     C N N 87  
DG O6     O N N 88  
DG N1     N N N 89  
DG C2     C N N 90  
DG N2     N N N 91  
DG N3     N N N 92  
DG C4     C Y N 93  
DG HOP3   H N N 94  
DG HOP2   H N N 95  
DG "H5'"  H N N 96  
DG "H5''" H N N 97  
DG "H4'"  H N N 98  
DG "H3'"  H N N 99  
DG "HO3'" H N N 100 
DG "H2'"  H N N 101 
DG "H2''" H N N 102 
DG "H1'"  H N N 103 
DG H8     H N N 104 
DG H1     H N N 105 
DG H21    H N N 106 
DG H22    H N N 107 
DT OP3    O N N 108 
DT P      P N N 109 
DT OP1    O N N 110 
DT OP2    O N N 111 
DT "O5'"  O N N 112 
DT "C5'"  C N N 113 
DT "C4'"  C N R 114 
DT "O4'"  O N N 115 
DT "C3'"  C N S 116 
DT "O3'"  O N N 117 
DT "C2'"  C N N 118 
DT "C1'"  C N R 119 
DT N1     N N N 120 
DT C2     C N N 121 
DT O2     O N N 122 
DT N3     N N N 123 
DT C4     C N N 124 
DT O4     O N N 125 
DT C5     C N N 126 
DT C7     C N N 127 
DT C6     C N N 128 
DT HOP3   H N N 129 
DT HOP2   H N N 130 
DT "H5'"  H N N 131 
DT "H5''" H N N 132 
DT "H4'"  H N N 133 
DT "H3'"  H N N 134 
DT "HO3'" H N N 135 
DT "H2'"  H N N 136 
DT "H2''" H N N 137 
DT "H1'"  H N N 138 
DT H3     H N N 139 
DT H71    H N N 140 
DT H72    H N N 141 
DT H73    H N N 142 
DT H6     H N N 143 
# 
loop_
_chem_comp_bond.comp_id 
_chem_comp_bond.atom_id_1 
_chem_comp_bond.atom_id_2 
_chem_comp_bond.value_order 
_chem_comp_bond.pdbx_aromatic_flag 
_chem_comp_bond.pdbx_stereo_config 
_chem_comp_bond.pdbx_ordinal 
DA OP3   P      sing N N 1   
DA OP3   HOP3   sing N N 2   
DA P     OP1    doub N N 3   
DA P     OP2    sing N N 4   
DA P     "O5'"  sing N N 5   
DA OP2   HOP2   sing N N 6   
DA "O5'" "C5'"  sing N N 7   
DA "C5'" "C4'"  sing N N 8   
DA "C5'" "H5'"  sing N N 9   
DA "C5'" "H5''" sing N N 10  
DA "C4'" "O4'"  sing N N 11  
DA "C4'" "C3'"  sing N N 12  
DA "C4'" "H4'"  sing N N 13  
DA "O4'" "C1'"  sing N N 14  
DA "C3'" "O3'"  sing N N 15  
DA "C3'" "C2'"  sing N N 16  
DA "C3'" "H3'"  sing N N 17  
DA "O3'" "HO3'" sing N N 18  
DA "C2'" "C1'"  sing N N 19  
DA "C2'" "H2'"  sing N N 20  
DA "C2'" "H2''" sing N N 21  
DA "C1'" N9     sing N N 22  
DA "C1'" "H1'"  sing N N 23  
DA N9    C8     sing Y N 24  
DA N9    C4     sing Y N 25  
DA C8    N7     doub Y N 26  
DA C8    H8     sing N N 27  
DA N7    C5     sing Y N 28  
DA C5    C6     sing Y N 29  
DA C5    C4     doub Y N 30  
DA C6    N6     sing N N 31  
DA C6    N1     doub Y N 32  
DA N6    H61    sing N N 33  
DA N6    H62    sing N N 34  
DA N1    C2     sing Y N 35  
DA C2    N3     doub Y N 36  
DA C2    H2     sing N N 37  
DA N3    C4     sing Y N 38  
DC OP3   P      sing N N 39  
DC OP3   HOP3   sing N N 40  
DC P     OP1    doub N N 41  
DC P     OP2    sing N N 42  
DC P     "O5'"  sing N N 43  
DC OP2   HOP2   sing N N 44  
DC "O5'" "C5'"  sing N N 45  
DC "C5'" "C4'"  sing N N 46  
DC "C5'" "H5'"  sing N N 47  
DC "C5'" "H5''" sing N N 48  
DC "C4'" "O4'"  sing N N 49  
DC "C4'" "C3'"  sing N N 50  
DC "C4'" "H4'"  sing N N 51  
DC "O4'" "C1'"  sing N N 52  
DC "C3'" "O3'"  sing N N 53  
DC "C3'" "C2'"  sing N N 54  
DC "C3'" "H3'"  sing N N 55  
DC "O3'" "HO3'" sing N N 56  
DC "C2'" "C1'"  sing N N 57  
DC "C2'" "H2'"  sing N N 58  
DC "C2'" "H2''" sing N N 59  
DC "C1'" N1     sing N N 60  
DC "C1'" "H1'"  sing N N 61  
DC N1    C2     sing N N 62  
DC N1    C6     sing N N 63  
DC C2    O2     doub N N 64  
DC C2    N3     sing N N 65  
DC N3    C4     doub N N 66  
DC C4    N4     sing N N 67  
DC C4    C5     sing N N 68  
DC N4    H41    sing N N 69  
DC N4    H42    sing N N 70  
DC C5    C6     doub N N 71  
DC C5    H5     sing N N 72  
DC C6    H6     sing N N 73  
DG OP3   P      sing N N 74  
DG OP3   HOP3   sing N N 75  
DG P     OP1    doub N N 76  
DG P     OP2    sing N N 77  
DG P     "O5'"  sing N N 78  
DG OP2   HOP2   sing N N 79  
DG "O5'" "C5'"  sing N N 80  
DG "C5'" "C4'"  sing N N 81  
DG "C5'" "H5'"  sing N N 82  
DG "C5'" "H5''" sing N N 83  
DG "C4'" "O4'"  sing N N 84  
DG "C4'" "C3'"  sing N N 85  
DG "C4'" "H4'"  sing N N 86  
DG "O4'" "C1'"  sing N N 87  
DG "C3'" "O3'"  sing N N 88  
DG "C3'" "C2'"  sing N N 89  
DG "C3'" "H3'"  sing N N 90  
DG "O3'" "HO3'" sing N N 91  
DG "C2'" "C1'"  sing N N 92  
DG "C2'" "H2'"  sing N N 93  
DG "C2'" "H2''" sing N N 94  
DG "C1'" N9     sing N N 95  
DG "C1'" "H1'"  sing N N 96  
DG N9    C8     sing Y N 97  
DG N9    C4     sing Y N 98  
DG C8    N7     doub Y N 99  
DG C8    H8     sing N N 100 
DG N7    C5     sing Y N 101 
DG C5    C6     sing N N 102 
DG C5    C4     doub Y N 103 
DG C6    O6     doub N N 104 
DG C6    N1     sing N N 105 
DG N1    C2     sing N N 106 
DG N1    H1     sing N N 107 
DG C2    N2     sing N N 108 
DG C2    N3     doub N N 109 
DG N2    H21    sing N N 110 
DG N2    H22    sing N N 111 
DG N3    C4     sing N N 112 
DT OP3   P      sing N N 113 
DT OP3   HOP3   sing N N 114 
DT P     OP1    doub N N 115 
DT P     OP2    sing N N 116 
DT P     "O5'"  sing N N 117 
DT OP2   HOP2   sing N N 118 
DT "O5'" "C5'"  sing N N 119 
DT "C5'" "C4'"  sing N N 120 
DT "C5'" "H5'"  sing N N 121 
DT "C5'" "H5''" sing N N 122 
DT "C4'" "O4'"  sing N N 123 
DT "C4'" "C3'"  sing N N 124 
DT "C4'" "H4'"  sing N N 125 
DT "O4'" "C1'"  sing N N 126 
DT "C3'" "O3'"  sing N N 127 
DT "C3'" "C2'"  sing N N 128 
DT "C3'" "H3'"  sing N N 129 
DT "O3'" "HO3'" sing N N 130 
DT "C2'" "C1'"  sing N N 131 
DT "C2'" "H2'"  sing N N 132 
DT "C2'" "H2''" sing N N 133 
DT "C1'" N1     sing N N 134 
DT "C1'" "H1'"  sing N N 135 
DT N1    C2     sing N N 136 
DT N1    C6     sing N N 137 
DT C2    O2     doub N N 138 
DT C2    N3     sing N N 139 
DT N3    C4     sing N N 140 
DT N3    H3     sing N N 141 
DT C4    O4     doub N N 142 
DT C4    C5     sing N N 143 
DT C5    C7     sing N N 144 
DT C5    C6     doub N N 145 
DT C7    H71    sing N N 146 
DT C7    H72    sing N N 147 
DT C7    H73    sing N N 148 
DT C6    H6     sing N N 149 
# 
_ndb_struct_conf_na.entry_id   8F40 
_ndb_struct_conf_na.feature    'b-form double helix' 
# 
loop_
_ndb_struct_na_base_pair.model_number 
_ndb_struct_na_base_pair.i_label_asym_id 
_ndb_struct_na_base_pair.i_label_comp_id 
_ndb_struct_na_base_pair.i_label_seq_id 
_ndb_struct_na_base_pair.i_symmetry 
_ndb_struct_na_base_pair.j_label_asym_id 
_ndb_struct_na_base_pair.j_label_comp_id 
_ndb_struct_na_base_pair.j_label_seq_id 
_ndb_struct_na_base_pair.j_symmetry 
_ndb_struct_na_base_pair.shear 
_ndb_struct_na_base_pair.stretch 
_ndb_struct_na_base_pair.stagger 
_ndb_struct_na_base_pair.buckle 
_ndb_struct_na_base_pair.propeller 
_ndb_struct_na_base_pair.opening 
_ndb_struct_na_base_pair.pair_number 
_ndb_struct_na_base_pair.pair_name 
_ndb_struct_na_base_pair.i_auth_asym_id 
_ndb_struct_na_base_pair.i_auth_seq_id 
_ndb_struct_na_base_pair.i_PDB_ins_code 
_ndb_struct_na_base_pair.j_auth_asym_id 
_ndb_struct_na_base_pair.j_auth_seq_id 
_ndb_struct_na_base_pair.j_PDB_ins_code 
_ndb_struct_na_base_pair.hbond_type_28 
_ndb_struct_na_base_pair.hbond_type_12 
1 A DC 3 1_555 B DG 3 1_555 -0.034 0.010  0.143  -3.824 -8.274  0.028  1 A_DC3:DG3_C A 3 ? C 3 ? 19 1 
1 A DT 4 1_555 B DA 2 1_555 0.040  -0.169 0.309  0.835  -3.626  1.619  2 A_DT4:DA2_C A 4 ? C 2 ? 20 1 
1 A DT 5 1_555 B DA 1 1_555 -0.227 -0.041 0.596  -0.984 -3.606  -0.606 3 A_DT5:DA1_C A 5 ? C 1 ? 20 1 
1 B DG 4 1_555 C DC 3 1_555 0.064  -0.016 0.365  12.397 -8.707  -2.192 4 C_DG4:DC3_B C 4 ? B 3 ? 19 1 
1 B DA 5 1_555 C DT 2 1_555 0.276  -0.002 -0.118 -0.634 -12.495 -5.065 5 C_DA5:DT2_B C 5 ? B 2 ? 20 1 
1 B DA 6 1_555 C DT 1 1_555 -0.626 -0.159 -0.236 -1.151 -16.885 -0.283 6 C_DA6:DT1_B C 6 ? B 1 ? 20 1 
# 
loop_
_ndb_struct_na_base_pair_step.model_number 
_ndb_struct_na_base_pair_step.i_label_asym_id_1 
_ndb_struct_na_base_pair_step.i_label_comp_id_1 
_ndb_struct_na_base_pair_step.i_label_seq_id_1 
_ndb_struct_na_base_pair_step.i_symmetry_1 
_ndb_struct_na_base_pair_step.j_label_asym_id_1 
_ndb_struct_na_base_pair_step.j_label_comp_id_1 
_ndb_struct_na_base_pair_step.j_label_seq_id_1 
_ndb_struct_na_base_pair_step.j_symmetry_1 
_ndb_struct_na_base_pair_step.i_label_asym_id_2 
_ndb_struct_na_base_pair_step.i_label_comp_id_2 
_ndb_struct_na_base_pair_step.i_label_seq_id_2 
_ndb_struct_na_base_pair_step.i_symmetry_2 
_ndb_struct_na_base_pair_step.j_label_asym_id_2 
_ndb_struct_na_base_pair_step.j_label_comp_id_2 
_ndb_struct_na_base_pair_step.j_label_seq_id_2 
_ndb_struct_na_base_pair_step.j_symmetry_2 
_ndb_struct_na_base_pair_step.shift 
_ndb_struct_na_base_pair_step.slide 
_ndb_struct_na_base_pair_step.rise 
_ndb_struct_na_base_pair_step.tilt 
_ndb_struct_na_base_pair_step.roll 
_ndb_struct_na_base_pair_step.twist 
_ndb_struct_na_base_pair_step.x_displacement 
_ndb_struct_na_base_pair_step.y_displacement 
_ndb_struct_na_base_pair_step.helical_rise 
_ndb_struct_na_base_pair_step.inclination 
_ndb_struct_na_base_pair_step.tip 
_ndb_struct_na_base_pair_step.helical_twist 
_ndb_struct_na_base_pair_step.step_number 
_ndb_struct_na_base_pair_step.step_name 
_ndb_struct_na_base_pair_step.i_auth_asym_id_1 
_ndb_struct_na_base_pair_step.i_auth_seq_id_1 
_ndb_struct_na_base_pair_step.i_PDB_ins_code_1 
_ndb_struct_na_base_pair_step.j_auth_asym_id_1 
_ndb_struct_na_base_pair_step.j_auth_seq_id_1 
_ndb_struct_na_base_pair_step.j_PDB_ins_code_1 
_ndb_struct_na_base_pair_step.i_auth_asym_id_2 
_ndb_struct_na_base_pair_step.i_auth_seq_id_2 
_ndb_struct_na_base_pair_step.i_PDB_ins_code_2 
_ndb_struct_na_base_pair_step.j_auth_asym_id_2 
_ndb_struct_na_base_pair_step.j_auth_seq_id_2 
_ndb_struct_na_base_pair_step.j_PDB_ins_code_2 
1 A DC 3 1_555 B DG 3 1_555 A DT 4 1_555 B DA 2 1_555 -0.218 -0.218 3.318 -0.949 -0.205 33.000 -0.349 0.221  3.324 -0.360 1.670  
33.014 1 AA_DC3DT4:DA2DG3_CC A 3 ? C 3 ? A 4 ? C 2 ? 
1 A DT 4 1_555 B DA 2 1_555 A DT 5 1_555 B DA 1 1_555 0.292  -0.531 3.282 0.548  2.680  31.003 -1.500 -0.440 3.230 5.002  -1.023 
31.121 2 AA_DT4DT5:DA1DA2_CC A 4 ? C 2 ? A 5 ? C 1 ? 
1 B DG 4 1_555 C DC 3 1_555 B DA 5 1_555 C DT 2 1_555 -0.132 -0.582 3.667 1.277  -1.791 35.428 -0.660 0.426  3.684 -2.939 -2.097 
35.494 3 CC_DG4DA5:DT2DC3_BB C 4 ? B 3 ? C 5 ? B 2 ? 
1 B DA 5 1_555 C DT 2 1_555 B DA 6 1_555 C DT 1 1_555 0.192  -0.543 3.288 0.791  -2.999 31.090 -0.433 -0.203 3.328 -5.578 -1.472 
31.240 4 CC_DA5DA6:DT1DT2_BB C 5 ? B 2 ? C 6 ? B 1 ? 
# 
loop_
_pdbx_audit_support.funding_organization 
_pdbx_audit_support.country 
_pdbx_audit_support.grant_number 
_pdbx_audit_support.ordinal 
'National Science Foundation (NSF, United States)'                                         'United States' CMMI-2025187 1 
'National Science Foundation (NSF, United States)'                                         'United States' CCF-2107393  2 
'National Institutes of Health/National Institute of General Medical Sciences (NIH/NIGMS)' 'United States' 1R01GM127884 3 
'National Institutes of Health/National Institute of General Medical Sciences (NIH/NIGMS)' 'United States' 1R01GM127896 4 
# 
_pdbx_initial_refinement_model.accession_code   ? 
_pdbx_initial_refinement_model.id               1 
_pdbx_initial_refinement_model.entity_id_list   ? 
_pdbx_initial_refinement_model.type             'in silico model' 
_pdbx_initial_refinement_model.source_name      Other 
_pdbx_initial_refinement_model.details          'ideal B type DNA duplexes generated in Cadnano' 
# 
_space_group.name_H-M_alt     'P 43 2 2' 
_space_group.name_Hall        'P 4cw 2c' 
_space_group.IT_number        95 
_space_group.crystal_system   tetragonal 
_space_group.id               1 
# 
_atom_sites.entry_id                    8F40 
_atom_sites.Cartn_transf_matrix[1][1]   ? 
_atom_sites.Cartn_transf_matrix[1][2]   ? 
_atom_sites.Cartn_transf_matrix[1][3]   ? 
_atom_sites.Cartn_transf_matrix[2][1]   ? 
_atom_sites.Cartn_transf_matrix[2][2]   ? 
_atom_sites.Cartn_transf_matrix[2][3]   ? 
_atom_sites.Cartn_transf_matrix[3][1]   ? 
_atom_sites.Cartn_transf_matrix[3][2]   ? 
_atom_sites.Cartn_transf_matrix[3][3]   ? 
_atom_sites.Cartn_transf_vector[1]      ? 
_atom_sites.Cartn_transf_vector[2]      ? 
_atom_sites.Cartn_transf_vector[3]      ? 
_atom_sites.fract_transf_matrix[1][1]   -0.01005994 
_atom_sites.fract_transf_matrix[1][2]   -0.02524623 
_atom_sites.fract_transf_matrix[1][3]   0.00067070 
_atom_sites.fract_transf_matrix[2][1]   -0.02366236 
_atom_sites.fract_transf_matrix[2][2]   0.00967450 
_atom_sites.fract_transf_matrix[2][3]   0.00924775 
_atom_sites.fract_transf_matrix[3][1]   -0.00314210 
_atom_sites.fract_transf_matrix[3][2]   0.00101037 
_atom_sites.fract_transf_matrix[3][3]   -0.00909674 
_atom_sites.fract_transf_vector[1]      -0.218554 
_atom_sites.fract_transf_vector[2]      0.299330 
_atom_sites.fract_transf_vector[3]      -0.063324 
_atom_sites.solution_primary            ? 
_atom_sites.solution_secondary          ? 
_atom_sites.solution_hydrogens          ? 
_atom_sites.special_details             ? 
# 
loop_
_atom_type.symbol 
_atom_type.scat_dispersion_real 
_atom_type.scat_dispersion_imag 
_atom_type.scat_Cromer_Mann_a1 
_atom_type.scat_Cromer_Mann_a2 
_atom_type.scat_Cromer_Mann_a3 
_atom_type.scat_Cromer_Mann_a4 
_atom_type.scat_Cromer_Mann_b1 
_atom_type.scat_Cromer_Mann_b2 
_atom_type.scat_Cromer_Mann_b3 
_atom_type.scat_Cromer_Mann_b4 
_atom_type.scat_Cromer_Mann_c 
_atom_type.scat_source 
_atom_type.scat_dispersion_source 
C ? ? 3.54356 2.42580 ? ? 25.62398 1.50364  ? ? 0.0 
;2-Gaussian fit: Grosse-Kunstleve RW, Sauter NK, Adams PD: Newsletter of the IUCr Commission on Crystallographic Computing 2004, 3, 22-31.
;
? 
N ? ? 4.01032 2.96436 ? ? 19.97189 1.75589  ? ? 0.0 
;2-Gaussian fit: Grosse-Kunstleve RW, Sauter NK, Adams PD: Newsletter of the IUCr Commission on Crystallographic Computing 2004, 3, 22-31.
;
? 
O ? ? 4.49882 3.47563 ? ? 15.80542 1.70748  ? ? 0.0 
;2-Gaussian fit: Grosse-Kunstleve RW, Sauter NK, Adams PD: Newsletter of the IUCr Commission on Crystallographic Computing 2004, 3, 22-31.
;
? 
P ? ? 9.51135 5.44231 ? ? 1.42069  35.72801 ? ? 0.0 
;2-Gaussian fit: Grosse-Kunstleve RW, Sauter NK, Adams PD: Newsletter of the IUCr Commission on Crystallographic Computing 2004, 3, 22-31.
;
? 
# 
loop_
_atom_site.group_PDB 
_atom_site.id 
_atom_site.type_symbol 
_atom_site.label_atom_id 
_atom_site.label_alt_id 
_atom_site.label_comp_id 
_atom_site.label_asym_id 
_atom_site.label_entity_id 
_atom_site.label_seq_id 
_atom_site.pdbx_PDB_ins_code 
_atom_site.Cartn_x 
_atom_site.Cartn_y 
_atom_site.Cartn_z 
_atom_site.occupancy 
_atom_site.B_iso_or_equiv 
_atom_site.pdbx_formal_charge 
_atom_site.auth_seq_id 
_atom_site.auth_comp_id 
_atom_site.auth_asym_id 
_atom_site.auth_atom_id 
_atom_site.pdbx_PDB_model_num 
ATOM 1   O "O5'" . DC A 1 1 ? 1.50692   20.43082  -5.32868 1.000 46.42879 ? 1 DC A "O5'" 1 
ATOM 2   C "C5'" . DC A 1 1 ? 0.66136   20.60259  -4.15349 1.000 42.58465 ? 1 DC A "C5'" 1 
ATOM 3   C "C4'" . DC A 1 1 ? -0.83554  20.51397  -4.48084 1.000 33.17950 ? 1 DC A "C4'" 1 
ATOM 4   O "O4'" . DC A 1 1 ? -1.08730  19.51552  -5.49128 1.000 27.02440 ? 1 DC A "O4'" 1 
ATOM 5   C "C3'" . DC A 1 1 ? -1.68183  20.06387  -3.31816 1.000 35.53250 ? 1 DC A "C3'" 1 
ATOM 6   O "O3'" . DC A 1 1 ? -2.01197  21.15822  -2.53428 1.000 41.42089 ? 1 DC A "O3'" 1 
ATOM 7   C "C2'" . DC A 1 1 ? -2.91884  19.49672  -3.99454 1.000 33.57787 ? 1 DC A "C2'" 1 
ATOM 8   C "C1'" . DC A 1 1 ? -2.40209  19.04588  -5.36105 1.000 25.73591 ? 1 DC A "C1'" 1 
ATOM 9   N N1    . DC A 1 1 ? -2.38326  17.59981  -5.52802 1.000 26.25344 ? 1 DC A N1    1 
ATOM 10  C C2    . DC A 1 1 ? -3.57368  16.85253  -5.38382 1.000 34.28251 ? 1 DC A C2    1 
ATOM 11  O O2    . DC A 1 1 ? -4.64526  17.42722  -5.09234 1.000 31.90807 ? 1 DC A O2    1 
ATOM 12  N N3    . DC A 1 1 ? -3.51962  15.50803  -5.54404 1.000 34.05514 ? 1 DC A N3    1 
ATOM 13  C C4    . DC A 1 1 ? -2.37420  14.92046  -5.83502 1.000 29.89975 ? 1 DC A C4    1 
ATOM 14  N N4    . DC A 1 1 ? -2.38483  13.59795  -5.99063 1.000 28.00482 ? 1 DC A N4    1 
ATOM 15  C C5    . DC A 1 1 ? -1.16557  15.66536  -5.99004 1.000 29.19200 ? 1 DC A C5    1 
ATOM 16  C C6    . DC A 1 1 ? -1.22013  16.98782  -5.82755 1.000 25.21505 ? 1 DC A C6    1 
ATOM 17  P P     . DG A 1 2 ? -2.09582  20.99834  -0.94920 1.000 45.33277 ? 2 DG A P     1 
ATOM 18  O OP1   . DG A 1 2 ? -2.45035  22.34923  -0.44119 1.000 36.51614 ? 2 DG A OP1   1 
ATOM 19  O OP2   . DG A 1 2 ? -0.87746  20.23956  -0.53268 1.000 38.00802 ? 2 DG A OP2   1 
ATOM 20  O "O5'" . DG A 1 2 ? -3.33273  20.03918  -0.71690 1.000 35.74766 ? 2 DG A "O5'" 1 
ATOM 21  C "C5'" . DG A 1 2 ? -4.59916  20.56598  -0.64520 1.000 36.11181 ? 2 DG A "C5'" 1 
ATOM 22  C "C4'" . DG A 1 2 ? -5.56830  19.45603  -0.38485 1.000 40.92235 ? 2 DG A "C4'" 1 
ATOM 23  O "O4'" . DG A 1 2 ? -5.58465  18.57914  -1.53946 1.000 43.75192 ? 2 DG A "O4'" 1 
ATOM 24  C "C3'" . DG A 1 2 ? -5.16547  18.51320  0.73593  1.000 48.39062 ? 2 DG A "C3'" 1 
ATOM 25  O "O3'" . DG A 1 2 ? -5.43261  19.05623  2.05783  1.000 57.72259 ? 2 DG A "O3'" 1 
ATOM 26  C "C2'" . DG A 1 2 ? -6.01300  17.30084  0.39937  1.000 47.15088 ? 2 DG A "C2'" 1 
ATOM 27  C "C1'" . DG A 1 2 ? -5.80087  17.23366  -1.09637 1.000 41.65114 ? 2 DG A "C1'" 1 
ATOM 28  N N9    . DG A 1 2 ? -4.65806  16.40922  -1.47529 1.000 37.31541 ? 2 DG A N9    1 
ATOM 29  C C8    . DG A 1 2 ? -3.36337  16.81963  -1.69748 1.000 35.86329 ? 2 DG A C8    1 
ATOM 30  N N7    . DG A 1 2 ? -2.56492  15.84648  -2.04441 1.000 32.34108 ? 2 DG A N7    1 
ATOM 31  C C5    . DG A 1 2 ? -3.38020  14.73060  -2.03849 1.000 32.14309 ? 2 DG A C5    1 
ATOM 32  C C6    . DG A 1 2 ? -3.08248  13.39999  -2.34378 1.000 32.08233 ? 2 DG A C6    1 
ATOM 33  O O6    . DG A 1 2 ? -2.00018  12.92335  -2.67498 1.000 35.27612 ? 2 DG A O6    1 
ATOM 34  N N1    . DG A 1 2 ? -4.19386  12.58399  -2.23159 1.000 30.43127 ? 2 DG A N1    1 
ATOM 35  C C2    . DG A 1 2 ? -5.44000  13.00681  -1.86567 1.000 31.88995 ? 2 DG A C2    1 
ATOM 36  N N2    . DG A 1 2 ? -6.38823  12.06417  -1.80256 1.000 35.51031 ? 2 DG A N2    1 
ATOM 37  N N3    . DG A 1 2 ? -5.74044  14.25852  -1.57958 1.000 30.63251 ? 2 DG A N3    1 
ATOM 38  C C4    . DG A 1 2 ? -4.66557  15.06012  -1.68420 1.000 33.61108 ? 2 DG A C4    1 
ATOM 39  P P     . DC A 1 3 ? -6.89326  19.03417  2.73580  1.000 46.50601 ? 3 DC A P     1 
ATOM 40  O OP1   . DC A 1 3 ? -7.87283  19.56963  1.76287  1.000 40.05693 ? 3 DC A OP1   1 
ATOM 41  O OP2   . DC A 1 3 ? -6.69459  19.74178  4.01948  1.000 45.18634 ? 3 DC A OP2   1 
ATOM 42  O "O5'" . DC A 1 3 ? -7.23800  17.48774  3.00453  1.000 39.05720 ? 3 DC A "O5'" 1 
ATOM 43  C "C5'" . DC A 1 3 ? -8.53582  17.01134  2.61218  1.000 41.00928 ? 3 DC A "C5'" 1 
ATOM 44  C "C4'" . DC A 1 3 ? -8.64816  15.51839  2.76692  1.000 39.39017 ? 3 DC A "C4'" 1 
ATOM 45  O "O4'" . DC A 1 3 ? -7.65844  14.86328  1.93315  1.000 40.15396 ? 3 DC A "O4'" 1 
ATOM 46  C "C3'" . DC A 1 3 ? -8.41939  15.01193  4.18738  1.000 42.35105 ? 3 DC A "C3'" 1 
ATOM 47  O "O3'" . DC A 1 3 ? -9.45961  14.11497  4.54719  1.000 42.62435 ? 3 DC A "O3'" 1 
ATOM 48  C "C2'" . DC A 1 3 ? -7.06518  14.30166  4.09685  1.000 43.92023 ? 3 DC A "C2'" 1 
ATOM 49  C "C1'" . DC A 1 3 ? -7.07259  13.80615  2.66127  1.000 41.05257 ? 3 DC A "C1'" 1 
ATOM 50  N N1    . DC A 1 3 ? -5.68889  13.52391  2.09991  1.000 38.01499 ? 3 DC A N1    1 
ATOM 51  C C2    . DC A 1 3 ? -5.33481  12.22688  1.68116  1.000 34.39078 ? 3 DC A C2    1 
ATOM 52  O O2    . DC A 1 3 ? -6.14716  11.30977  1.76940  1.000 32.92570 ? 3 DC A O2    1 
ATOM 53  N N3    . DC A 1 3 ? -4.07598  12.01576  1.19086  1.000 33.68981 ? 3 DC A N3    1 
ATOM 54  C C4    . DC A 1 3 ? -3.21661  13.02503  1.09967  1.000 34.38614 ? 3 DC A C4    1 
ATOM 55  N N4    . DC A 1 3 ? -1.99620  12.77558  0.60542  1.000 35.29368 ? 3 DC A N4    1 
ATOM 56  C C5    . DC A 1 3 ? -3.56036  14.34437  1.50991  1.000 36.99899 ? 3 DC A C5    1 
ATOM 57  C C6    . DC A 1 3 ? -4.78840  14.54471  2.00466  1.000 39.32485 ? 3 DC A C6    1 
ATOM 58  P P     . DT A 1 4 ? -9.69291  13.69890  6.08252  1.000 45.20829 ? 4 DT A P     1 
ATOM 59  O OP1   . DT A 1 4 ? -11.15772 13.75694  6.23130  1.000 50.07209 ? 4 DT A OP1   1 
ATOM 60  O OP2   . DT A 1 4 ? -8.76257  14.38523  7.01590  1.000 36.71067 ? 4 DT A OP2   1 
ATOM 61  O "O5'" . DT A 1 4 ? -9.24498  12.17772  6.15246  1.000 41.04064 ? 4 DT A "O5'" 1 
ATOM 62  C "C5'" . DT A 1 4 ? -9.89686  11.20834  5.36317  1.000 41.14011 ? 4 DT A "C5'" 1 
ATOM 63  C "C4'" . DT A 1 4 ? -9.15124  9.89226   5.46506  1.000 48.18219 ? 4 DT A "C4'" 1 
ATOM 64  O "O4'" . DT A 1 4 ? -7.85826  10.02072  4.81775  1.000 45.55605 ? 4 DT A "O4'" 1 
ATOM 65  C "C3'" . DT A 1 4 ? -8.85985  9.41857   6.89697  1.000 50.94488 ? 4 DT A "C3'" 1 
ATOM 66  O "O3'" . DT A 1 4 ? -9.19081  8.02480   7.01378  1.000 53.49986 ? 4 DT A "O3'" 1 
ATOM 67  C "C2'" . DT A 1 4 ? -7.34741  9.67700   7.06084  1.000 43.09062 ? 4 DT A "C2'" 1 
ATOM 68  C "C1'" . DT A 1 4 ? -6.86431  9.46750   5.64119  1.000 38.41000 ? 4 DT A "C1'" 1 
ATOM 69  N N1    . DT A 1 4 ? -5.57016  10.11876  5.29279  1.000 37.69121 ? 4 DT A N1    1 
ATOM 70  C C2    . DT A 1 4 ? -4.61098  9.35531   4.68288  1.000 40.61480 ? 4 DT A C2    1 
ATOM 71  O O2    . DT A 1 4 ? -4.75798  8.16622   4.45600  1.000 40.78425 ? 4 DT A O2    1 
ATOM 72  N N3    . DT A 1 4 ? -3.45652  10.02125  4.35266  1.000 40.80755 ? 4 DT A N3    1 
ATOM 73  C C4    . DT A 1 4 ? -3.17302  11.35934  4.56824  1.000 36.40151 ? 4 DT A C4    1 
ATOM 74  O O4    . DT A 1 4 ? -2.10364  11.86819  4.23566  1.000 31.53948 ? 4 DT A O4    1 
ATOM 75  C C5    . DT A 1 4 ? -4.22608  12.11069  5.20222  1.000 35.41617 ? 4 DT A C5    1 
ATOM 76  C C7    . DT A 1 4 ? -4.02682  13.56402  5.47810  1.000 37.13758 ? 4 DT A C7    1 
ATOM 77  C C6    . DT A 1 4 ? -5.37325  11.46832  5.51826  1.000 37.34766 ? 4 DT A C6    1 
ATOM 78  P P     . DT A 1 5 ? -9.54245  7.36919   8.44024  1.000 53.92136 ? 5 DT A P     1 
ATOM 79  O OP1   . DT A 1 5 ? -10.84420 6.68811   8.25234  1.000 43.83791 ? 5 DT A OP1   1 
ATOM 80  O OP2   . DT A 1 5 ? -9.31546  8.41033   9.47945  1.000 55.83497 ? 5 DT A OP2   1 
ATOM 81  O "O5'" . DT A 1 5 ? -8.41988  6.24781   8.63678  1.000 46.71563 ? 5 DT A "O5'" 1 
ATOM 82  C "C5'" . DT A 1 5 ? -8.07056  5.39722   7.53647  1.000 46.14386 ? 5 DT A "C5'" 1 
ATOM 83  C "C4'" . DT A 1 5 ? -6.62020  4.97724   7.62290  1.000 40.09756 ? 5 DT A "C4'" 1 
ATOM 84  O "O4'" . DT A 1 5 ? -5.75692  6.05258   7.16363  1.000 46.40234 ? 5 DT A "O4'" 1 
ATOM 85  C "C3'" . DT A 1 5 ? -6.14501  4.64117   9.04634  1.000 46.66837 ? 5 DT A "C3'" 1 
ATOM 86  O "O3'" . DT A 1 5 ? -5.65086  3.30493   9.09034  1.000 43.63910 ? 5 DT A "O3'" 1 
ATOM 87  C "C2'" . DT A 1 5 ? -5.04343  5.68035   9.33096  1.000 41.62264 ? 5 DT A "C2'" 1 
ATOM 88  C "C1'" . DT A 1 5 ? -4.57378  5.97990   7.92094  1.000 43.70692 ? 5 DT A "C1'" 1 
ATOM 89  N N1    . DT A 1 5 ? -3.73142  7.24174   7.76523  1.000 39.84510 ? 5 DT A N1    1 
ATOM 90  C C2    . DT A 1 5 ? -2.49006  7.12450   7.18147  1.000 35.26801 ? 5 DT A C2    1 
ATOM 91  O O2    . DT A 1 5 ? -2.04542  6.06486   6.77531  1.000 30.59748 ? 5 DT A O2    1 
ATOM 92  N N3    . DT A 1 5 ? -1.78651  8.30297   7.09245  1.000 36.82826 ? 5 DT A N3    1 
ATOM 93  C C4    . DT A 1 5 ? -2.18061  9.55411   7.52619  1.000 34.79938 ? 5 DT A C4    1 
ATOM 94  O O4    . DT A 1 5 ? -1.47396  10.54682  7.40299  1.000 35.40303 ? 5 DT A O4    1 
ATOM 95  C C5    . DT A 1 5 ? -3.48164  9.61562   8.12302  1.000 34.94310 ? 5 DT A C5    1 
ATOM 96  C C7    . DT A 1 5 ? -4.00027  10.93820  8.60899  1.000 34.02118 ? 5 DT A C7    1 
ATOM 97  C C6    . DT A 1 5 ? -4.19816  8.46984   8.21979  1.000 38.13261 ? 5 DT A C6    1 
ATOM 98  P P     . DA B 2 1 ? 8.45141   10.13873  3.37570  1.000 51.30188 ? 1 DA C P     1 
ATOM 99  O OP1   . DA B 2 1 ? 9.90855   9.92252   3.15573  1.000 35.70903 ? 1 DA C OP1   1 
ATOM 100 O OP2   . DA B 2 1 ? 7.56069   10.85930  2.42865  1.000 44.96269 ? 1 DA C OP2   1 
ATOM 101 O "O5'" . DA B 2 1 ? 7.77027   8.72003   3.57606  1.000 40.37218 ? 1 DA C "O5'" 1 
ATOM 102 C "C5'" . DA B 2 1 ? 8.32049   7.61145   2.94110  1.000 39.73946 ? 1 DA C "C5'" 1 
ATOM 103 C "C4'" . DA B 2 1 ? 7.32908   6.47919   2.91520  1.000 37.25171 ? 1 DA C "C4'" 1 
ATOM 104 O "O4'" . DA B 2 1 ? 6.24596   6.76671   3.82173  1.000 38.20041 ? 1 DA C "O4'" 1 
ATOM 105 C "C3'" . DA B 2 1 ? 6.70704   6.21316   1.55893  1.000 33.94698 ? 1 DA C "C3'" 1 
ATOM 106 O "O3'" . DA B 2 1 ? 6.62815   4.84996   1.36532  1.000 33.80976 ? 1 DA C "O3'" 1 
ATOM 107 C "C2'" . DA B 2 1 ? 5.32610   6.85429   1.64683  1.000 36.68901 ? 1 DA C "C2'" 1 
ATOM 108 C "C1'" . DA B 2 1 ? 5.00802   6.78738   3.13207  1.000 38.68607 ? 1 DA C "C1'" 1 
ATOM 109 N N9    . DA B 2 1 ? 4.22117   7.93630   3.62843  1.000 40.76273 ? 1 DA C N9    1 
ATOM 110 C C8    . DA B 2 1 ? 4.59264   9.25755   3.63210  1.000 38.43838 ? 1 DA C C8    1 
ATOM 111 N N7    . DA B 2 1 ? 3.69294   10.05680  4.16398  1.000 39.01845 ? 1 DA C N7    1 
ATOM 112 C C5    . DA B 2 1 ? 2.65741   9.20318   4.53436  1.000 35.58458 ? 1 DA C C5    1 
ATOM 113 C C6    . DA B 2 1 ? 1.40044   9.42861   5.14623  1.000 33.98073 ? 1 DA C C6    1 
ATOM 114 N N6    . DA B 2 1 ? 0.95076   10.63882  5.50813  1.000 33.40256 ? 1 DA C N6    1 
ATOM 115 N N1    . DA B 2 1 ? 0.62383   8.35108   5.37837  1.000 33.46888 ? 1 DA C N1    1 
ATOM 116 C C2    . DA B 2 1 ? 1.07727   7.15076   5.01894  1.000 32.39202 ? 1 DA C C2    1 
ATOM 117 N N3    . DA B 2 1 ? 2.22006   6.82054   4.43565  1.000 30.77966 ? 1 DA C N3    1 
ATOM 118 C C4    . DA B 2 1 ? 2.97142   7.89721   4.21660  1.000 34.53204 ? 1 DA C C4    1 
ATOM 119 P P     . DA B 2 2 ? 6.02514   4.26986   0.00342  1.000 46.21771 ? 2 DA C P     1 
ATOM 120 O OP1   . DA B 2 2 ? 6.55489   2.88865   -0.14250 1.000 46.57098 ? 2 DA C OP1   1 
ATOM 121 O OP2   . DA B 2 2 ? 6.17399   5.27544   -1.08011 1.000 47.97539 ? 2 DA C OP2   1 
ATOM 122 O "O5'" . DA B 2 2 ? 4.49903   4.09903   0.35601  1.000 39.68552 ? 2 DA C "O5'" 1 
ATOM 123 C "C5'" . DA B 2 2 ? 4.16541   3.19242   1.36538  1.000 42.51814 ? 2 DA C "C5'" 1 
ATOM 124 C "C4'" . DA B 2 2 ? 2.69747   2.87942   1.34277  1.000 37.46599 ? 2 DA C "C4'" 1 
ATOM 125 O "O4'" . DA B 2 2 ? 1.97380   3.97369   1.94885  1.000 36.86158 ? 2 DA C "O4'" 1 
ATOM 126 C "C3'" . DA B 2 2 ? 2.08561   2.69410   -0.03835 1.000 34.29300 ? 2 DA C "C3'" 1 
ATOM 127 O "O3'" . DA B 2 2 ? 0.99024   1.83490   0.11644  1.000 36.01957 ? 2 DA C "O3'" 1 
ATOM 128 C "C2'" . DA B 2 2 ? 1.62483   4.12068   -0.36644 1.000 29.97219 ? 2 DA C "C2'" 1 
ATOM 129 C "C1'" . DA B 2 2 ? 1.10319   4.54993   1.00159  1.000 30.93344 ? 2 DA C "C1'" 1 
ATOM 130 N N9    . DA B 2 2 ? 1.06293   5.98989   1.25406  1.000 33.46116 ? 2 DA C N9    1 
ATOM 131 C C8    . DA B 2 2 ? 2.03903   6.92592   0.99960  1.000 33.43939 ? 2 DA C C8    1 
ATOM 132 N N7    . DA B 2 2 ? 1.70757   8.15445   1.35434  1.000 29.18272 ? 2 DA C N7    1 
ATOM 133 C C5    . DA B 2 2 ? 0.44147   8.00526   1.89834  1.000 31.83838 ? 2 DA C C5    1 
ATOM 134 C C6    . DA B 2 2 ? -0.46069  8.92421   2.46393  1.000 33.81623 ? 2 DA C C6    1 
ATOM 135 N N6    . DA B 2 2 ? -0.20025  10.22527  2.58905  1.000 36.18473 ? 2 DA C N6    1 
ATOM 136 N N1    . DA B 2 2 ? -1.64777  8.44730   2.90717  1.000 32.90894 ? 2 DA C N1    1 
ATOM 137 C C2    . DA B 2 2 ? -1.90818  7.13548   2.79921  1.000 31.37401 ? 2 DA C C2    1 
ATOM 138 N N3    . DA B 2 2 ? -1.14434  6.16826   2.28421  1.000 30.03339 ? 2 DA C N3    1 
ATOM 139 C C4    . DA B 2 2 ? 0.03236   6.67685   1.85141  1.000 33.53765 ? 2 DA C C4    1 
ATOM 140 P P     . DG B 2 3 ? 0.72186   0.58960   -0.85226 1.000 32.88334 ? 3 DG C P     1 
ATOM 141 O OP1   . DG B 2 3 ? 0.71397   -0.59621  0.03610  1.000 33.45601 ? 3 DG C OP1   1 
ATOM 142 O OP2   . DG B 2 3 ? 1.59103   0.68928   -2.05697 1.000 25.64305 ? 3 DG C OP2   1 
ATOM 143 O "O5'" . DG B 2 3 ? -0.82012  0.79316   -1.23074 1.000 32.82905 ? 3 DG C "O5'" 1 
ATOM 144 C "C5'" . DG B 2 3 ? -1.75042  1.07268   -0.18027 1.000 28.84592 ? 3 DG C "C5'" 1 
ATOM 145 C "C4'" . DG B 2 3 ? -2.73789  2.16890   -0.56295 1.000 25.79911 ? 3 DG C "C4'" 1 
ATOM 146 O "O4'" . DG B 2 3 ? -2.19646  3.48743   -0.31635 1.000 26.28437 ? 3 DG C "O4'" 1 
ATOM 147 C "C3'" . DG B 2 3 ? -3.17931  2.18821   -2.01660 1.000 25.94940 ? 3 DG C "C3'" 1 
ATOM 148 O "O3'" . DG B 2 3 ? -4.46040  1.72236   -2.07943 1.000 30.86817 ? 3 DG C "O3'" 1 
ATOM 149 C "C2'" . DG B 2 3 ? -3.13964  3.68122   -2.40002 1.000 26.97653 ? 3 DG C "C2'" 1 
ATOM 150 C "C1'" . DG B 2 3 ? -2.98884  4.36750   -1.05401 1.000 24.31695 ? 3 DG C "C1'" 1 
ATOM 151 N N9    . DG B 2 3 ? -2.34237  5.66977   -1.11554 1.000 24.43682 ? 3 DG C N9    1 
ATOM 152 C C8    . DG B 2 3 ? -1.15218  5.96317   -1.72099 1.000 29.00114 ? 3 DG C C8    1 
ATOM 153 N N7    . DG B 2 3 ? -0.82022  7.22161   -1.63003 1.000 33.89435 ? 3 DG C N7    1 
ATOM 154 C C5    . DG B 2 3 ? -1.85669  7.80225   -0.91042 1.000 31.41025 ? 3 DG C C5    1 
ATOM 155 C C6    . DG B 2 3 ? -2.04599  9.14413   -0.50153 1.000 32.60343 ? 3 DG C C6    1 
ATOM 156 O O6    . DG B 2 3 ? -1.29681  10.11983  -0.69765 1.000 33.81946 ? 3 DG C O6    1 
ATOM 157 N N1    . DG B 2 3 ? -3.24634  9.31165   0.20239  1.000 28.73114 ? 3 DG C N1    1 
ATOM 158 C C2    . DG B 2 3 ? -4.12874  8.31223   0.45796  1.000 26.89218 ? 3 DG C C2    1 
ATOM 159 N N2    . DG B 2 3 ? -5.22108  8.64066   1.14832  1.000 30.43805 ? 3 DG C N2    1 
ATOM 160 N N3    . DG B 2 3 ? -3.95966  7.05505   0.08271  1.000 30.01251 ? 3 DG C N3    1 
ATOM 161 C C4    . DG B 2 3 ? -2.80559  6.87073   -0.59336 1.000 28.60557 ? 3 DG C C4    1 
ATOM 162 P P     . DG B 2 4 ? -4.75380  0.20701   -2.49000 1.000 38.00704 ? 4 DG C P     1 
ATOM 163 O OP1   . DG B 2 4 ? -4.47054  0.01850   -3.93674 1.000 34.31187 ? 4 DG C OP1   1 
ATOM 164 O OP2   . DG B 2 4 ? -6.10709  -0.07342  -1.93556 1.000 32.21090 ? 4 DG C OP2   1 
ATOM 165 O "O5'" . DG B 2 4 ? -3.64954  -0.63059  -1.70055 1.000 34.60719 ? 4 DG C "O5'" 1 
ATOM 166 C "C5'" . DG B 2 4 ? -3.07512  -1.77862  -2.30898 1.000 32.60903 ? 4 DG C "C5'" 1 
ATOM 167 C "C4'" . DG B 2 4 ? -3.48538  -3.04443  -1.58995 1.000 29.48144 ? 4 DG C "C4'" 1 
ATOM 168 O "O4'" . DG B 2 4 ? -2.70359  -4.14213  -2.11626 1.000 33.71610 ? 4 DG C "O4'" 1 
ATOM 169 C "C3'" . DG B 2 4 ? -3.18421  -3.07487  -0.10089 1.000 31.67008 ? 4 DG C "C3'" 1 
ATOM 170 O "O3'" . DG B 2 4 ? -3.87777  -4.18966  0.45952  1.000 34.45365 ? 4 DG C "O3'" 1 
ATOM 171 C "C2'" . DG B 2 4 ? -1.69158  -3.36021  -0.15108 1.000 34.09329 ? 4 DG C "C2'" 1 
ATOM 172 C "C1'" . DG B 2 4 ? -1.72086  -4.51209  -1.14971 1.000 34.72130 ? 4 DG C "C1'" 1 
ATOM 173 N N9    . DG B 2 4 ? -0.45605  -4.77154  -1.83171 1.000 29.65641 ? 4 DG C N9    1 
ATOM 174 C C8    . DG B 2 4 ? 0.43014   -3.85281  -2.29902 1.000 29.16660 ? 4 DG C C8    1 
ATOM 175 N N7    . DG B 2 4 ? 1.44950   -4.38720  -2.89973 1.000 28.57882 ? 4 DG C N7    1 
ATOM 176 C C5    . DG B 2 4 ? 1.22242   -5.74503  -2.81856 1.000 25.97437 ? 4 DG C C5    1 
ATOM 177 C C6    . DG B 2 4 ? 1.99843   -6.82131  -3.28598 1.000 29.90210 ? 4 DG C C6    1 
ATOM 178 O O6    . DG B 2 4 ? 3.07508   -6.77971  -3.88847 1.000 33.41790 ? 4 DG C O6    1 
ATOM 179 N N1    . DG B 2 4 ? 1.41261   -8.05410  -3.00215 1.000 29.13239 ? 4 DG C N1    1 
ATOM 180 C C2    . DG B 2 4 ? 0.21714   -8.20539  -2.35772 1.000 32.62156 ? 4 DG C C2    1 
ATOM 181 N N2    . DG B 2 4 ? -0.20776  -9.47111  -2.16461 1.000 36.83069 ? 4 DG C N2    1 
ATOM 182 N N3    . DG B 2 4 ? -0.52013  -7.19087  -1.91747 1.000 33.88525 ? 4 DG C N3    1 
ATOM 183 C C4    . DG B 2 4 ? 0.05154   -5.99829  -2.17688 1.000 27.97337 ? 4 DG C C4    1 
ATOM 184 P P     . DA B 2 5 ? -4.37646  -4.21703  1.98997  1.000 40.24074 ? 5 DA C P     1 
ATOM 185 O OP1   . DA B 2 5 ? -5.85388  -4.17544  1.89338  1.000 39.29613 ? 5 DA C OP1   1 
ATOM 186 O OP2   . DA B 2 5 ? -3.57997  -3.28744  2.85541  1.000 29.89590 ? 5 DA C OP2   1 
ATOM 187 O "O5'" . DA B 2 5 ? -4.09384  -5.71024  2.42372  1.000 26.74032 ? 5 DA C "O5'" 1 
ATOM 188 C "C5'" . DA B 2 5 ? -4.27453  -6.71754  1.48952  1.000 26.34434 ? 5 DA C "C5'" 1 
ATOM 189 C "C4'" . DA B 2 5 ? -3.36418  -7.87342  1.80577  1.000 32.55243 ? 5 DA C "C4'" 1 
ATOM 190 O "O4'" . DA B 2 5 ? -2.10717  -7.76285  1.05753  1.000 35.98951 ? 5 DA C "O4'" 1 
ATOM 191 C "C3'" . DA B 2 5 ? -2.95840  -7.99179  3.27197  1.000 29.29160 ? 5 DA C "C3'" 1 
ATOM 192 O "O3'" . DA B 2 5 ? -2.83566  -9.36096  3.54741  1.000 30.69205 ? 5 DA C "O3'" 1 
ATOM 193 C "C2'" . DA B 2 5 ? -1.58190  -7.31299  3.25975  1.000 36.29867 ? 5 DA C "C2'" 1 
ATOM 194 C "C1'" . DA B 2 5 ? -1.03812  -7.90996  1.97069  1.000 32.89403 ? 5 DA C "C1'" 1 
ATOM 195 N N9    . DA B 2 5 ? 0.18264   -7.29090  1.42033  1.000 28.90476 ? 5 DA C N9    1 
ATOM 196 C C8    . DA B 2 5 ? 0.48642   -5.95699  1.31953  1.000 31.80478 ? 5 DA C C8    1 
ATOM 197 N N7    . DA B 2 5 ? 1.65149   -5.72145  0.74657  1.000 32.63195 ? 5 DA C N7    1 
ATOM 198 C C5    . DA B 2 5 ? 2.13853   -6.99331  0.45520  1.000 29.55688 ? 5 DA C C5    1 
ATOM 199 C C6    . DA B 2 5 ? 3.33130   -7.45141  -0.15978 1.000 26.73519 ? 5 DA C C6    1 
ATOM 200 N N6    . DA B 2 5 ? 4.28578   -6.64922  -0.59812 1.000 29.86267 ? 5 DA C N6    1 
ATOM 201 N N1    . DA B 2 5 ? 3.50262   -8.76831  -0.29571 1.000 26.62924 ? 5 DA C N1    1 
ATOM 202 C C2    . DA B 2 5 ? 2.54215   -9.58099  0.14934  1.000 32.48142 ? 5 DA C C2    1 
ATOM 203 N N3    . DA B 2 5 ? 1.38266   -9.27567  0.74060  1.000 31.17771 ? 5 DA C N3    1 
ATOM 204 C C4    . DA B 2 5 ? 1.24428   -7.95871  0.86541  1.000 27.99134 ? 5 DA C C4    1 
ATOM 205 P P     . DA B 2 6 ? -2.95547  -9.96267  5.03006  1.000 35.17461 ? 6 DA C P     1 
ATOM 206 O OP1   . DA B 2 6 ? -4.41001  -9.99216  5.31326  1.000 46.13613 ? 6 DA C OP1   1 
ATOM 207 O OP2   . DA B 2 6 ? -1.98513  -9.37914  5.98549  1.000 35.51181 ? 6 DA C OP2   1 
ATOM 208 O "O5'" . DA B 2 6 ? -2.38895  -11.43902 4.83033  1.000 33.18460 ? 6 DA C "O5'" 1 
ATOM 209 C "C5'" . DA B 2 6 ? -1.84381  -11.81302 3.56717  1.000 31.80314 ? 6 DA C "C5'" 1 
ATOM 210 C "C4'" . DA B 2 6 ? -0.44995  -12.40226 3.71693  1.000 35.18031 ? 6 DA C "C4'" 1 
ATOM 211 O "O4'" . DA B 2 6 ? 0.54235   -11.48449 3.18484  1.000 33.90131 ? 6 DA C "O4'" 1 
ATOM 212 C "C3'" . DA B 2 6 ? -0.01113  -12.69410 5.15756  1.000 40.92406 ? 6 DA C "C3'" 1 
ATOM 213 O "O3'" . DA B 2 6 ? 0.62268   -13.97160 5.21740  1.000 39.93079 ? 6 DA C "O3'" 1 
ATOM 214 C "C2'" . DA B 2 6 ? 0.98161   -11.56476 5.44662  1.000 39.43352 ? 6 DA C "C2'" 1 
ATOM 215 C "C1'" . DA B 2 6 ? 1.62773   -11.44315 4.08627  1.000 35.70940 ? 6 DA C "C1'" 1 
ATOM 216 N N9    . DA B 2 6 ? 2.39939   -10.21525 3.86639  1.000 34.45268 ? 6 DA C N9    1 
ATOM 217 C C8    . DA B 2 6 ? 2.08593   -8.93601  4.25945  1.000 30.27237 ? 6 DA C C8    1 
ATOM 218 N N7    . DA B 2 6 ? 2.98074   -8.03972  3.90319  1.000 28.41982 ? 6 DA C N7    1 
ATOM 219 C C5    . DA B 2 6 ? 3.93736   -8.78092  3.23313  1.000 29.79632 ? 6 DA C C5    1 
ATOM 220 C C6    . DA B 2 6 ? 5.13329   -8.42283  2.60453  1.000 27.67809 ? 6 DA C C6    1 
ATOM 221 N N6    . DA B 2 6 ? 5.58055   -7.18676  2.55149  1.000 25.07967 ? 6 DA C N6    1 
ATOM 222 N N1    . DA B 2 6 ? 5.85479   -9.39795  2.02907  1.000 30.28528 ? 6 DA C N1    1 
ATOM 223 C C2    . DA B 2 6 ? 5.39895   -10.66131 2.08142  1.000 30.59921 ? 6 DA C C2    1 
ATOM 224 N N3    . DA B 2 6 ? 4.28999   -11.12528 2.64156  1.000 26.96818 ? 6 DA C N3    1 
ATOM 225 C C4    . DA B 2 6 ? 3.59666   -10.12196 3.20604  1.000 31.56140 ? 6 DA C C4    1 
ATOM 226 P P     . DT C 3 1 ? 15.58036  -7.29680  -1.13182 1.000 44.45538 ? 1 DT B P     1 
ATOM 227 O OP1   . DT C 3 1 ? 16.93956  -7.88195  -1.08407 1.000 42.69863 ? 1 DT B OP1   1 
ATOM 228 O OP2   . DT C 3 1 ? 15.16793  -6.47706  -2.29252 1.000 44.57401 ? 1 DT B OP2   1 
ATOM 229 O "O5'" . DT C 3 1 ? 14.50224  -8.46695  -0.95468 1.000 40.89555 ? 1 DT B "O5'" 1 
ATOM 230 C "C5'" . DT C 3 1 ? 14.59846  -9.36220  0.14482  1.000 39.23048 ? 1 DT B "C5'" 1 
ATOM 231 C "C4'" . DT C 3 1 ? 13.57957  -10.48474 0.02553  1.000 40.00168 ? 1 DT B "C4'" 1 
ATOM 232 O "O4'" . DT C 3 1 ? 12.32350  -10.10908 0.64525  1.000 42.95032 ? 1 DT B "O4'" 1 
ATOM 233 C "C3'" . DT C 3 1 ? 13.22023  -10.89726 -1.38483 1.000 43.82813 ? 1 DT B "C3'" 1 
ATOM 234 O "O3'" . DT C 3 1 ? 13.02752  -12.28688 -1.38497 1.000 50.06039 ? 1 DT B "O3'" 1 
ATOM 235 C "C2'" . DT C 3 1 ? 11.90867  -10.14454 -1.64018 1.000 36.71785 ? 1 DT B "C2'" 1 
ATOM 236 C "C1'" . DT C 3 1 ? 11.25908  -10.23022 -0.28146 1.000 32.45796 ? 1 DT B "C1'" 1 
ATOM 237 N N1    . DT C 3 1 ? 10.32529  -9.12594  0.00559  1.000 33.37205 ? 1 DT B N1    1 
ATOM 238 C C2    . DT C 3 1 ? 9.18068   -9.37473  0.72939  1.000 32.96025 ? 1 DT B C2    1 
ATOM 239 O O2    . DT C 3 1 ? 8.86866   -10.48839 1.11901  1.000 30.91259 ? 1 DT B O2    1 
ATOM 240 N N3    . DT C 3 1 ? 8.40112   -8.25912  0.97469  1.000 31.82239 ? 1 DT B N3    1 
ATOM 241 C C4    . DT C 3 1 ? 8.67304   -6.95601  0.58378  1.000 28.65458 ? 1 DT B C4    1 
ATOM 242 O O4    . DT C 3 1 ? 7.94188   -6.02149  0.83580  1.000 26.65067 ? 1 DT B O4    1 
ATOM 243 C C5    . DT C 3 1 ? 9.88481   -6.77372  -0.14468 1.000 30.65872 ? 1 DT B C5    1 
ATOM 244 C C7    . DT C 3 1 ? 10.25477  -5.40941  -0.61811 1.000 32.19583 ? 1 DT B C7    1 
ATOM 245 C C6    . DT C 3 1 ? 10.65419  -7.84882  -0.39194 1.000 34.64999 ? 1 DT B C6    1 
ATOM 246 P P     . DT C 3 2 ? 12.78370  -13.08191 -2.75506 1.000 55.85120 ? 2 DT B P     1 
ATOM 247 O OP1   . DT C 3 2 ? 13.62802  -14.30819 -2.65659 1.000 43.26759 ? 2 DT B OP1   1 
ATOM 248 O OP2   . DT C 3 2 ? 12.84054  -12.11590 -3.89660 1.000 42.63776 ? 2 DT B OP2   1 
ATOM 249 O "O5'" . DT C 3 2 ? 11.30234  -13.59262 -2.57126 1.000 39.59641 ? 2 DT B "O5'" 1 
ATOM 250 C "C5'" . DT C 3 2 ? 10.95758  -14.09107 -1.31608 1.000 41.08774 ? 2 DT B "C5'" 1 
ATOM 251 C "C4'" . DT C 3 2 ? 9.53535   -14.54389 -1.30536 1.000 36.84315 ? 2 DT B "C4'" 1 
ATOM 252 O "O4'" . DT C 3 2 ? 8.66957   -13.43810 -0.91185 1.000 39.16516 ? 2 DT B "O4'" 1 
ATOM 253 C "C3'" . DT C 3 2 ? 9.02251   -15.01938 -2.64796 1.000 35.64753 ? 2 DT B "C3'" 1 
ATOM 254 O "O3'" . DT C 3 2 ? 8.07766   -16.05422 -2.39550 1.000 45.59739 ? 2 DT B "O3'" 1 
ATOM 255 C "C2'" . DT C 3 2 ? 8.36727   -13.74774 -3.18934 1.000 38.46472 ? 2 DT B "C2'" 1 
ATOM 256 C "C1'" . DT C 3 2 ? 7.71400   -13.22430 -1.92347 1.000 36.64744 ? 2 DT B "C1'" 1 
ATOM 257 N N1    . DT C 3 2 ? 7.35004   -11.77890 -1.96549 1.000 30.52929 ? 2 DT B N1    1 
ATOM 258 C C2    . DT C 3 2 ? 6.21916   -11.35906 -1.30924 1.000 30.52763 ? 2 DT B C2    1 
ATOM 259 O O2    . DT C 3 2 ? 5.49507   -12.12078 -0.66887 1.000 26.97237 ? 2 DT B O2    1 
ATOM 260 N N3    . DT C 3 2 ? 5.98484   -9.99884  -1.40496 1.000 33.32163 ? 2 DT B N3    1 
ATOM 261 C C4    . DT C 3 2 ? 6.75670   -9.06438  -2.07583 1.000 30.63824 ? 2 DT B C4    1 
ATOM 262 O O4    . DT C 3 2 ? 6.47382   -7.86953  -2.11612 1.000 30.97466 ? 2 DT B O4    1 
ATOM 263 C C5    . DT C 3 2 ? 7.91423   -9.58587  -2.73380 1.000 26.56721 ? 2 DT B C5    1 
ATOM 264 C C7    . DT C 3 2 ? 8.80840   -8.66483  -3.49507 1.000 28.02962 ? 2 DT B C7    1 
ATOM 265 C C6    . DT C 3 2 ? 8.15337   -10.89773 -2.65015 1.000 28.84945 ? 2 DT B C6    1 
ATOM 266 P P     . DC C 3 3 ? 7.32599   -16.83583 -3.57626 1.000 47.46797 ? 3 DC B P     1 
ATOM 267 O OP1   . DC C 3 3 ? 7.92031   -18.19134 -3.65143 1.000 53.23462 ? 3 DC B OP1   1 
ATOM 268 O OP2   . DC C 3 3 ? 7.34275   -15.96372 -4.78209 1.000 42.10995 ? 3 DC B OP2   1 
ATOM 269 O "O5'" . DC C 3 3 ? 5.82084   -16.99569 -3.03006 1.000 32.81959 ? 3 DC B "O5'" 1 
ATOM 270 C "C5'" . DC C 3 3 ? 5.49212   -16.58925 -1.72893 1.000 28.26090 ? 3 DC B "C5'" 1 
ATOM 271 C "C4'" . DC C 3 3 ? 4.07990   -16.04332 -1.69084 1.000 29.80051 ? 3 DC B "C4'" 1 
ATOM 272 O "O4'" . DC C 3 3 ? 4.07264   -14.61029 -1.87613 1.000 35.63328 ? 3 DC B "O4'" 1 
ATOM 273 C "C3'" . DC C 3 3 ? 3.12654   -16.60194 -2.74176 1.000 32.20495 ? 3 DC B "C3'" 1 
ATOM 274 O "O3'" . DC C 3 3 ? 1.94004   -16.98825 -2.07371 1.000 35.27072 ? 3 DC B "O3'" 1 
ATOM 275 C "C2'" . DC C 3 3 ? 2.89785   -15.41370 -3.69089 1.000 31.98121 ? 3 DC B "C2'" 1 
ATOM 276 C "C1'" . DC C 3 3 ? 2.98822   -14.25329 -2.72171 1.000 32.57409 ? 3 DC B "C1'" 1 
ATOM 277 N N1    . DC C 3 3 ? 3.31164   -12.90098 -3.34957 1.000 30.82219 ? 3 DC B N1    1 
ATOM 278 C C2    . DC C 3 3 ? 2.48435   -11.76652 -3.13048 1.000 25.99592 ? 3 DC B C2    1 
ATOM 279 O O2    . DC C 3 3 ? 1.47136   -11.86531 -2.45049 1.000 22.88486 ? 3 DC B O2    1 
ATOM 280 N N3    . DC C 3 3 ? 2.84343   -10.57361 -3.69011 1.000 27.09471 ? 3 DC B N3    1 
ATOM 281 C C4    . DC C 3 3 ? 3.97336   -10.48327 -4.39794 1.000 30.17527 ? 3 DC B C4    1 
ATOM 282 N N4    . DC C 3 3 ? 4.30100   -9.29775  -4.92833 1.000 27.35516 ? 3 DC B N4    1 
ATOM 283 C C5    . DC C 3 3 ? 4.82650   -11.60849 -4.60563 1.000 32.35790 ? 3 DC B C5    1 
ATOM 284 C C6    . DC C 3 3 ? 4.46403   -12.77762 -4.07297 1.000 32.39530 ? 3 DC B C6    1 
ATOM 285 P P     . DG C 3 4 ? 0.64038   -17.48439 -2.87327 1.000 46.48658 ? 4 DG B P     1 
ATOM 286 O OP1   . DG C 3 4 ? -0.22357  -18.12415 -1.83121 1.000 36.73752 ? 4 DG B OP1   1 
ATOM 287 O OP2   . DG C 3 4 ? 1.05443   -18.14884 -4.13619 1.000 36.54857 ? 4 DG B OP2   1 
ATOM 288 O "O5'" . DG C 3 4 ? -0.07248  -16.12995 -3.30439 1.000 40.20800 ? 4 DG B "O5'" 1 
ATOM 289 C "C5'" . DG C 3 4 ? -0.78729  -15.38907 -2.32767 1.000 40.07772 ? 4 DG B "C5'" 1 
ATOM 290 C "C4'" . DG C 3 4 ? -2.11588  -14.95117 -2.87716 1.000 38.92421 ? 4 DG B "C4'" 1 
ATOM 291 O "O4'" . DG C 3 4 ? -1.95436  -13.71027 -3.59763 1.000 38.78063 ? 4 DG B "O4'" 1 
ATOM 292 C "C3'" . DG C 3 4 ? -2.75030  -15.91228 -3.87418 1.000 38.99680 ? 4 DG B "C3'" 1 
ATOM 293 O "O3'" . DG C 3 4 ? -4.15166  -15.73943 -3.82525 1.000 37.19703 ? 4 DG B "O3'" 1 
ATOM 294 C "C2'" . DG C 3 4 ? -2.15605  -15.45565 -5.21102 1.000 35.04442 ? 4 DG B "C2'" 1 
ATOM 295 C "C1'" . DG C 3 4 ? -2.02605  -13.94699 -5.00529 1.000 40.54476 ? 4 DG B "C1'" 1 
ATOM 296 N N9    . DG C 3 4 ? -0.83605  -13.37554 -5.60064 1.000 33.05426 ? 4 DG B N9    1 
ATOM 297 C C8    . DG C 3 4 ? 0.25242   -14.05062 -6.07527 1.000 28.23208 ? 4 DG B C8    1 
ATOM 298 N N7    . DG C 3 4 ? 1.18814   -13.25585 -6.52347 1.000 34.34984 ? 4 DG B N7    1 
ATOM 299 C C5    . DG C 3 4 ? 0.69105   -11.96682 -6.30867 1.000 32.33605 ? 4 DG B C5    1 
ATOM 300 C C6    . DG C 3 4 ? 1.26262   -10.68999 -6.58983 1.000 28.56126 ? 4 DG B C6    1 
ATOM 301 O O6    . DG C 3 4 ? 2.34942   -10.42893 -7.10814 1.000 26.93312 ? 4 DG B O6    1 
ATOM 302 N N1    . DG C 3 4 ? 0.41877   -9.65910  -6.22521 1.000 27.55578 ? 4 DG B N1    1 
ATOM 303 C C2    . DG C 3 4 ? -0.82037  -9.81613  -5.66483 1.000 28.90758 ? 4 DG B C2    1 
ATOM 304 N N2    . DG C 3 4 ? -1.48771  -8.68461  -5.39656 1.000 32.11100 ? 4 DG B N2    1 
ATOM 305 N N3    . DG C 3 4 ? -1.37312  -10.99633 -5.38992 1.000 28.87455 ? 4 DG B N3    1 
ATOM 306 C C4    . DG C 3 4 ? -0.55684  -12.02520 -5.74214 1.000 32.00351 ? 4 DG B C4    1 
ATOM 307 P P     . DC C 3 5 ? -5.10961  -16.38916 -4.92458 1.000 46.91597 ? 5 DC B P     1 
ATOM 308 O OP1   . DC C 3 5 ? -6.38314  -16.67748 -4.20820 1.000 50.93220 ? 5 DC B OP1   1 
ATOM 309 O OP2   . DC C 3 5 ? -4.37349  -17.41998 -5.69966 1.000 49.48450 ? 5 DC B OP2   1 
ATOM 310 O "O5'" . DC C 3 5 ? -5.36665  -15.21944 -5.95584 1.000 36.66629 ? 5 DC B "O5'" 1 
ATOM 311 C "C5'" . DC C 3 5 ? -5.89884  -13.99799 -5.53196 1.000 36.27515 ? 5 DC B "C5'" 1 
ATOM 312 C "C4'" . DC C 3 5 ? -6.08430  -13.14399 -6.74419 1.000 33.99038 ? 5 DC B "C4'" 1 
ATOM 313 O "O4'" . DC C 3 5 ? -4.86843  -12.39435 -6.97353 1.000 36.62739 ? 5 DC B "O4'" 1 
ATOM 314 C "C3'" . DC C 3 5 ? -6.31384  -13.98119 -8.01303 1.000 35.96300 ? 5 DC B "C3'" 1 
ATOM 315 O "O3'" . DC C 3 5 ? -7.49578  -13.58017 -8.67006 1.000 47.76099 ? 5 DC B "O3'" 1 
ATOM 316 C "C2'" . DC C 3 5 ? -5.08285  -13.72115 -8.86924 1.000 31.23766 ? 5 DC B "C2'" 1 
ATOM 317 C "C1'" . DC C 3 5 ? -4.62851  -12.37379 -8.34934 1.000 32.96169 ? 5 DC B "C1'" 1 
ATOM 318 N N1    . DC C 3 5 ? -3.20381  -12.10019 -8.62446 1.000 29.26625 ? 5 DC B N1    1 
ATOM 319 C C2    . DC C 3 5 ? -2.76798  -10.77588 -8.71618 1.000 33.18363 ? 5 DC B C2    1 
ATOM 320 O O2    . DC C 3 5 ? -3.57049  -9.84268  -8.49118 1.000 32.29195 ? 5 DC B O2    1 
ATOM 321 N N3    . DC C 3 5 ? -1.47070  -10.54380 -9.03126 1.000 34.93038 ? 5 DC B N3    1 
ATOM 322 C C4    . DC C 3 5 ? -0.64221  -11.56482 -9.26191 1.000 32.29296 ? 5 DC B C4    1 
ATOM 323 N N4    . DC C 3 5 ? 0.63697   -11.27508 -9.54511 1.000 32.01280 ? 5 DC B N4    1 
ATOM 324 C C5    . DC C 3 5 ? -1.08037  -12.91813 -9.18604 1.000 28.63849 ? 5 DC B C5    1 
ATOM 325 C C6    . DC C 3 5 ? -2.35638  -13.13332 -8.87567 1.000 27.35604 ? 5 DC B C6    1 
# 
loop_
_atom_site_anisotrop.id 
_atom_site_anisotrop.type_symbol 
_atom_site_anisotrop.pdbx_label_atom_id 
_atom_site_anisotrop.pdbx_label_alt_id 
_atom_site_anisotrop.pdbx_label_comp_id 
_atom_site_anisotrop.pdbx_label_asym_id 
_atom_site_anisotrop.pdbx_label_seq_id 
_atom_site_anisotrop.pdbx_PDB_ins_code 
_atom_site_anisotrop.U[1][1] 
_atom_site_anisotrop.U[2][2] 
_atom_site_anisotrop.U[3][3] 
_atom_site_anisotrop.U[1][2] 
_atom_site_anisotrop.U[1][3] 
_atom_site_anisotrop.U[2][3] 
_atom_site_anisotrop.pdbx_auth_seq_id 
_atom_site_anisotrop.pdbx_auth_comp_id 
_atom_site_anisotrop.pdbx_auth_asym_id 
_atom_site_anisotrop.pdbx_auth_atom_id 
1   O "O5'" . DC A 1 ? 0.61308 0.55920 0.59180 0.07652  0.13649  0.14772  1 DC A "O5'" 
2   C "C5'" . DC A 1 ? 0.56683 0.50098 0.55022 0.08881  0.14505  0.14726  1 DC A "C5'" 
3   C "C4'" . DC A 1 ? 0.43569 0.38926 0.43572 0.10151  0.14141  0.16002  1 DC A "C4'" 
4   O "O4'" . DC A 1 ? 0.34486 0.33172 0.35023 0.09674  0.12683  0.16366  1 DC A "O4'" 
5   C "C3'" . DC A 1 ? 0.46298 0.41883 0.46826 0.11159  0.14581  0.15739  1 DC A "C3'" 
6   O "O3'" . DC A 1 ? 0.54651 0.47511 0.55218 0.12129  0.16020  0.15843  1 DC A "O3'" 
7   C "C2'" . DC A 1 ? 0.42185 0.41022 0.44373 0.11734  0.13670  0.16798  1 DC A "C2'" 
8   C "C1'" . DC A 1 ? 0.31707 0.32396 0.33681 0.10637  0.12386  0.17019  1 DC A "C1'" 
9   N N1    . DC A 1 ? 0.31485 0.34741 0.33526 0.09994  0.11168  0.16460  1 DC A N1    
10  C C2    . DC A 1 ? 0.40412 0.45984 0.43862 0.10610  0.10710  0.16912  1 DC A C2    
11  O O2    . DC A 1 ? 0.36994 0.42631 0.41611 0.11688  0.11401  0.17758  1 DC A O2    
12  N N3    . DC A 1 ? 0.39383 0.47089 0.42922 0.09933  0.09601  0.16368  1 DC A N3    
13  C C4    . DC A 1 ? 0.34544 0.42213 0.36848 0.08796  0.08992  0.15389  1 DC A C4    
14  N N4    . DC A 1 ? 0.31400 0.41102 0.33903 0.08212  0.07967  0.14874  1 DC A N4    
15  C C5    . DC A 1 ? 0.34798 0.40417 0.35701 0.08154  0.09482  0.14883  1 DC A C5    
16  C C6    . DC A 1 ? 0.30511 0.33953 0.31341 0.08743  0.10550  0.15475  1 DC A C6    
17  P P     . DG A 2 ? 0.60401 0.51567 0.60275 0.12740  0.17053  0.14857  2 DG A P     
18  O OP1   . DG A 2 ? 0.50129 0.38435 0.50180 0.13671  0.18445  0.14898  2 DG A OP1   
19  O OP2   . DG A 2 ? 0.51581 0.42797 0.50034 0.11331  0.16523  0.13132  2 DG A OP2   
20  O "O5'" . DG A 2 ? 0.46757 0.41082 0.47986 0.13529  0.16491  0.15377  2 DG A "O5'" 
21  C "C5'" . DG A 2 ? 0.46542 0.41566 0.49102 0.14596  0.17034  0.16270  2 DG A "C5'" 
22  C "C4'" . DG A 2 ? 0.51278 0.49402 0.54807 0.14804  0.16431  0.16592  2 DG A "C4'" 
23  O "O4'" . DG A 2 ? 0.53618 0.54643 0.57976 0.14111  0.14914  0.17024  2 DG A "O4'" 
24  C "C3'" . DG A 2 ? 0.61137 0.59097 0.63628 0.14547  0.16394  0.15558  2 DG A "C3'" 
25  O "O3'" . DG A 2 ? 0.73972 0.69745 0.75602 0.14979  0.17309  0.14863  2 DG A "O3'" 
26  C "C2'" . DG A 2 ? 0.57941 0.59528 0.61683 0.14299  0.15291  0.16157  2 DG A "C2'" 
27  C "C1'" . DG A 2 ? 0.50163 0.53299 0.54792 0.13819  0.14179  0.16611  2 DG A "C1'" 
28  N N9    . DG A 2 ? 0.44920 0.48254 0.48607 0.12689  0.13007  0.15732  2 DG A N9    
29  C C8    . DG A 2 ? 0.44271 0.45592 0.46401 0.11837  0.13065  0.14989  2 DG A C8    
30  N N7    . DG A 2 ? 0.39646 0.42095 0.41141 0.10639  0.11958  0.14153  2 DG A N7    
31  C C5    . DG A 2 ? 0.38153 0.43163 0.40814 0.10773  0.11072  0.14412  2 DG A C5    
32  C C6    . DG A 2 ? 0.37426 0.44362 0.40112 0.09839  0.09800  0.13818  2 DG A C6    
33  O O6    . DG A 2 ? 0.41816 0.48731 0.43486 0.08749  0.09222  0.12860  2 DG A O6    
34  N N1    . DG A 2 ? 0.34109 0.43233 0.38283 0.10266  0.09300  0.14424  2 DG A N1    
35  C C2    . DG A 2 ? 0.35288 0.45038 0.40841 0.11382  0.10030  0.15404  2 DG A C2    
36  N N2    . DG A 2 ? 0.38777 0.50708 0.45438 0.11162  0.09447  0.15700  2 DG A N2    
37  N N3    . DG A 2 ? 0.34237 0.42392 0.39761 0.12272  0.11315  0.15901  2 DG A N3    
38  C C4    . DG A 2 ? 0.39336 0.44987 0.43385 0.11985  0.11708  0.15396  2 DG A C4    
39  P P     . DC A 3 ? 0.59169 0.56007 0.61525 0.15624  0.17518  0.15526  3 DC A P     
40  O OP1   . DC A 3 ? 0.49995 0.48289 0.53914 0.16153  0.17716  0.17026  3 DC A OP1   
41  O OP2   . DC A 3 ? 0.58758 0.52947 0.59982 0.15905  0.18408  0.14249  3 DC A OP2   
42  O "O5'" . DC A 3 ? 0.48794 0.48201 0.51404 0.15098  0.16250  0.15571  3 DC A "O5'" 
43  C "C5'" . DC A 3 ? 0.49922 0.51980 0.53914 0.15274  0.15888  0.16901  3 DC A "C5'" 
44  C "C4'" . DC A 3 ? 0.47139 0.51230 0.51297 0.14576  0.14607  0.16800  3 DC A "C4'" 
45  O "O4'" . DC A 3 ? 0.47835 0.52707 0.52025 0.13729  0.13484  0.16132  3 DC A "O4'" 
46  C "C3'" . DC A 3 ? 0.51498 0.54660 0.54757 0.14503  0.14432  0.15595  3 DC A "C3'" 
47  O "O3'" . DC A 3 ? 0.50926 0.56050 0.54977 0.14463  0.13920  0.16247  3 DC A "O3'" 
48  C "C2'" . DC A 3 ? 0.53802 0.56742 0.56332 0.13643  0.13552  0.14316  3 DC A "C2'" 
49  C "C1'" . DC A 3 ? 0.49211 0.54056 0.52714 0.13256  0.12683  0.15231  3 DC A "C1'" 
50  N N1    . DC A 3 ? 0.45614 0.50179 0.48647 0.12607  0.12069  0.14208  3 DC A N1    
51  C C2    . DC A 3 ? 0.40237 0.46739 0.43693 0.11723  0.10740  0.13756  3 DC A C2    
52  O O2    . DC A 3 ? 0.37546 0.45754 0.41803 0.11559  0.10051  0.14271  3 DC A O2    
53  N N3    . DC A 3 ? 0.39672 0.45967 0.42367 0.10762  0.10312  0.12649  3 DC A N3    
54  C C4    . DC A 3 ? 0.41574 0.45903 0.43176 0.10641  0.11094  0.12095  3 DC A C4    
55  N N4    . DC A 3 ? 0.43077 0.47260 0.43763 0.09531  0.10603  0.11124  3 DC A N4    
56  C C5    . DC A 3 ? 0.45639 0.47943 0.46997 0.11620  0.12480  0.12541  3 DC A C5    
57  C C6    . DC A 3 ? 0.48276 0.50751 0.50389 0.12627  0.12922  0.13552  3 DC A C6    
58  P P     . DT A 4 ? 0.54482 0.59277 0.58011 0.14600  0.14033  0.15423  4 DT A P     
59  O OP1   . DT A 4 ? 0.59869 0.65946 0.64436 0.15195  0.14418  0.16696  4 DT A OP1   
60  O OP2   . DT A 4 ? 0.44972 0.47441 0.47071 0.14661  0.14710  0.13858  4 DT A OP2   
61  O "O5'" . DT A 4 ? 0.48668 0.54954 0.52313 0.13677  0.12710  0.14953  4 DT A "O5'" 
62  C "C5'" . DT A 4 ? 0.47659 0.56187 0.52467 0.13242  0.11816  0.16025  4 DT A "C5'" 
63  C "C4'" . DT A 4 ? 0.56338 0.65666 0.61066 0.12348  0.10680  0.15213  4 DT A "C4'" 
64  O "O4'" . DT A 4 ? 0.53458 0.62031 0.57603 0.11894  0.10332  0.14281  4 DT A "O4'" 
65  C "C3'" . DT A 4 ? 0.60225 0.69067 0.64275 0.12278  0.10761  0.14221  4 DT A "C3'" 
66  O "O3'" . DT A 4 ? 0.62634 0.73187 0.67454 0.11715  0.09877  0.14567  4 DT A "O3'" 
67  C "C2'" . DT A 4 ? 0.51200 0.58540 0.53984 0.11824  0.10754  0.12638  4 DT A "C2'" 
68  C "C1'" . DT A 4 ? 0.44890 0.52875 0.48175 0.11354  0.10053  0.12855  4 DT A "C1'" 
69  N N1    . DT A 4 ? 0.44800 0.51336 0.47073 0.11034  0.10260  0.11748  4 DT A N1    
70  C C2    . DT A 4 ? 0.48309 0.55505 0.50504 0.10154  0.09404  0.11066  4 DT A C2    
71  O O2    . DT A 4 ? 0.47750 0.56534 0.50678 0.09676  0.08510  0.11273  4 DT A O2    
72  N N3    . DT A 4 ? 0.49328 0.55213 0.50509 0.09781  0.09683  0.10121  4 DT A N3    
73  C C4    . DT A 4 ? 0.44709 0.48590 0.45010 0.10191  0.10740  0.09811  4 DT A C4    
74  O O4    . DT A 4 ? 0.39221 0.41992 0.38622 0.09696  0.10948  0.08991  4 DT A O4    
75  C C5    . DT A 4 ? 0.43638 0.46788 0.44138 0.11186  0.11632  0.10530  4 DT A C5    
76  C C7    . DT A 4 ? 0.46884 0.47695 0.46527 0.11707  0.12892  0.10217  4 DT A C7    
77  C C6    . DT A 4 ? 0.45290 0.49866 0.46746 0.11560  0.11345  0.11469  4 DT A C6    
78  P P     . DT A 5 ? 0.63082 0.73999 0.67795 0.11808  0.10014  0.14402  5 DT A P     
79  O OP1   . DT A 5 ? 0.49277 0.61963 0.55324 0.11819  0.09744  0.15816  5 DT A OP1   
80  O OP2   . DT A 5 ? 0.66444 0.75742 0.69962 0.12410  0.11059  0.13594  5 DT A OP2   
81  O "O5'" . DT A 5 ? 0.53988 0.65150 0.58360 0.10930  0.09170  0.13428  5 DT A "O5'" 
82  C "C5'" . DT A 5 ? 0.52711 0.64841 0.57774 0.10176  0.08192  0.13571  5 DT A "C5'" 
83  C "C4'" . DT A 5 ? 0.45520 0.57073 0.49759 0.09536  0.07777  0.12245  5 DT A "C4'" 
84  O "O4'" . DT A 5 ? 0.54287 0.64449 0.57571 0.09591  0.08151  0.11399  5 DT A "O4'" 
85  C "C3'" . DT A 5 ? 0.54275 0.65387 0.57657 0.09512  0.08019  0.11519  5 DT A "C3'" 
86  O "O3'" . DT A 5 ? 0.49986 0.62040 0.53782 0.08843  0.07236  0.11420  5 DT A "O3'" 
87  C "C2'" . DT A 5 ? 0.48998 0.58353 0.50796 0.09498  0.08556  0.10185  5 DT A "C2'" 
88  C "C1'" . DT A 5 ? 0.51596 0.60824 0.53646 0.09195  0.08212  0.10087  5 DT A "C1'" 
89  N N1    . DT A 5 ? 0.47690 0.55180 0.48522 0.09228  0.08819  0.09145  5 DT A N1    
90  C C2    . DT A 5 ? 0.42185 0.49368 0.42449 0.08514  0.08415  0.08222  5 DT A C2    
91  O O2    . DT A 5 ? 0.35772 0.44018 0.36467 0.07934  0.07615  0.08104  5 DT A O2    
92  N N3    . DT A 5 ? 0.45057 0.50627 0.44247 0.08497  0.09040  0.07454  5 DT A N3    
93  C C4    . DT A 5 ? 0.43144 0.47281 0.41798 0.09142  0.10041  0.07483  5 DT A C4    
94  O O4    . DT A 5 ? 0.44720 0.47340 0.42455 0.09030  0.10596  0.06772  5 DT A O4    
95  C C5    . DT A 5 ? 0.42989 0.47515 0.42265 0.09941  0.10444  0.08422  5 DT A C5    
96  C C7    . DT A 5 ? 0.42489 0.45506 0.41271 0.10734  0.11601  0.08492  5 DT A C7    
97  C C6    . DT A 5 ? 0.46113 0.52343 0.46430 0.09932  0.09810  0.09218  5 DT A C6    
98  P P     . DA B 1 ? 0.66282 0.68950 0.59692 0.02371  0.08274  -0.00114 1 DA C P     
99  O OP1   . DA B 1 ? 0.46486 0.49681 0.39512 0.01414  0.07859  -0.01273 1 DA C OP1   
100 O OP2   . DA B 1 ? 0.58297 0.60448 0.52093 0.02817  0.08815  0.01134  1 DA C OP2   
101 O "O5'" . DA B 1 ? 0.51569 0.55877 0.45950 0.02794  0.07425  0.00371  1 DA C "O5'" 
102 C "C5'" . DA B 1 ? 0.50044 0.55966 0.44982 0.02414  0.06553  0.00099  1 DA C "C5'" 
103 C "C4'" . DA B 1 ? 0.46127 0.53270 0.42142 0.02933  0.05971  0.00924  1 DA C "C4'" 
104 O "O4'" . DA B 1 ? 0.47552 0.53952 0.43640 0.03610  0.06424  0.01620  1 DA C "O4'" 
105 C "C3'" . DA B 1 ? 0.41302 0.49525 0.38156 0.02983  0.05656  0.01764  1 DA C "C3'" 
106 O "O3'" . DA B 1 ? 0.40355 0.49980 0.38127 0.02897  0.04729  0.01696  1 DA C "O3'" 
107 C "C2'" . DA B 1 ? 0.44853 0.52485 0.42063 0.03714  0.06215  0.03020  1 DA C "C2'" 
108 C "C1'" . DA B 1 ? 0.47710 0.54582 0.44699 0.04121  0.06474  0.02875  1 DA C "C1'" 
109 N N9    . DA B 1 ? 0.50901 0.56372 0.47607 0.04710  0.07341  0.03402  1 DA C N9    
110 C C8    . DA B 1 ? 0.48784 0.52647 0.44617 0.04665  0.08156  0.03087  1 DA C C8    
111 N N7    . DA B 1 ? 0.49876 0.52674 0.45702 0.05401  0.08893  0.03652  1 DA C N7    
112 C C5    . DA B 1 ? 0.44838 0.48766 0.41601 0.05915  0.08497  0.04412  1 DA C C5    
113 C C6    . DA B 1 ? 0.42692 0.46458 0.39961 0.06782  0.08922  0.05264  1 DA C C6    
114 N N6    . DA B 1 ? 0.42593 0.44850 0.39471 0.07405  0.09907  0.05458  1 DA C N6    
115 N N1    . DA B 1 ? 0.41244 0.46449 0.39474 0.06999  0.08352  0.05919  1 DA C N1    
116 C C2    . DA B 1 ? 0.39293 0.45833 0.37949 0.06439  0.07473  0.05724  1 DA C C2    
117 N N3    . DA B 1 ? 0.37294 0.44093 0.35561 0.05714  0.07030  0.04921  1 DA C N3    
118 C C4    . DA B 1 ? 0.42798 0.48305 0.40104 0.05464  0.07558  0.04289  1 DA C C4    
119 P P     . DA B 2 ? 0.55303 0.66278 0.54025 0.02782  0.04091  0.02293  2 DA C P     
120 O OP1   . DA B 2 ? 0.55173 0.67216 0.54559 0.02432  0.03132  0.01537  2 DA C OP1   
121 O OP2   . DA B 2 ? 0.57765 0.68541 0.55979 0.02536  0.04462  0.02541  2 DA C OP2   
122 O "O5'" . DA B 2 ? 0.46644 0.57913 0.46230 0.03478  0.04218  0.03604  2 DA C "O5'" 
123 C "C5'" . DA B 2 ? 0.49957 0.61484 0.50108 0.03732  0.03958  0.03684  2 DA C "C5'" 
124 C "C4'" . DA B 2 ? 0.42911 0.55233 0.44209 0.04214  0.03919  0.04993  2 DA C "C4'" 
125 O "O4'" . DA B 2 ? 0.42572 0.53990 0.43495 0.04895  0.04914  0.05756  2 DA C "O4'" 
126 C "C3'" . DA B 2 ? 0.38220 0.51746 0.40332 0.04009  0.03379  0.05567  2 DA C "C3'" 
127 O "O3'" . DA B 2 ? 0.39598 0.54190 0.43069 0.04188  0.02952  0.06411  2 DA C "O3'" 
128 C "C2'" . DA B 2 ? 0.33130 0.46022 0.34729 0.04456  0.04246  0.06365  2 DA C "C2'" 
129 C "C1'" . DA B 2 ? 0.34752 0.46579 0.36202 0.05137  0.05012  0.06739  2 DA C "C1'" 
130 N N9    . DA B 2 ? 0.38812 0.48914 0.39411 0.05539  0.05878  0.06835  2 DA C N9    
131 C C8    . DA B 2 ? 0.39577 0.48435 0.39044 0.05223  0.06321  0.06127  2 DA C C8    
132 N N7    . DA B 2 ? 0.34831 0.42185 0.33865 0.05734  0.07188  0.06447  2 DA C N7    
133 C C5    . DA B 2 ? 0.37786 0.45493 0.37693 0.06491  0.07302  0.07369  2 DA C C5    
134 C C6    . DA B 2 ? 0.40581 0.47299 0.40608 0.07373  0.08122  0.08055  2 DA C C6    
135 N N6    . DA B 2 ? 0.44444 0.49376 0.43667 0.07659  0.09062  0.07895  2 DA C N6    
136 N N1    . DA B 2 ? 0.38795 0.46413 0.39831 0.07958  0.08002  0.08934  2 DA C N1    
137 C C2    . DA B 2 ? 0.36013 0.45302 0.37892 0.07613  0.07130  0.09137  2 DA C C2    
138 N N3    . DA B 2 ? 0.33982 0.44233 0.35898 0.06822  0.06352  0.08552  2 DA C N3    
139 C C4    . DA B 2 ? 0.39050 0.48457 0.39921 0.06326  0.06483  0.07644  2 DA C C4    
140 P P     . DG B 3 ? 0.34739 0.50809 0.39394 0.03606  0.01779  0.06297  3 DG C P     
141 O OP1   . DG B 3 ? 0.35190 0.51294 0.40634 0.03520  0.01356  0.06116  3 DG C OP1   
142 O OP2   . DG B 3 ? 0.25706 0.42030 0.29696 0.03045  0.01371  0.05392  3 DG C OP2   
143 O "O5'" . DG B 3 ? 0.33896 0.51144 0.39695 0.03963  0.01814  0.07813  3 DG C "O5'" 
144 C "C5'" . DG B 3 ? 0.28917 0.45686 0.34998 0.04569  0.02469  0.08791  3 DG C "C5'" 
145 C "C4'" . DG B 3 ? 0.25038 0.41877 0.31110 0.05116  0.03030  0.09965  3 DG C "C4'" 
146 O "O4'" . DG B 3 ? 0.26430 0.42022 0.31416 0.05676  0.03981  0.09836  3 DG C "O4'" 
147 C "C3'" . DG B 3 ? 0.24653 0.42786 0.31157 0.04742  0.02423  0.10366  3 DG C "C3'" 
148 O "O3'" . DG B 3 ? 0.30409 0.49111 0.37766 0.04557  0.02186  0.11136  3 DG C "O3'" 
149 C "C2'" . DG B 3 ? 0.26224 0.44090 0.32186 0.05445  0.03240  0.11049  3 DG C "C2'" 
150 C "C1'" . DG B 3 ? 0.23721 0.39684 0.28989 0.06121  0.04224  0.10913  3 DG C "C1'" 
151 N N9    . DG B 3 ? 0.24782 0.39156 0.28910 0.06422  0.04997  0.10595  3 DG C N9    
152 C C8    . DG B 3 ? 0.31112 0.44943 0.34136 0.05839  0.04987  0.09710  3 DG C C8    
153 N N7    . DG B 3 ? 0.38170 0.50294 0.40319 0.06137  0.05756  0.09646  3 DG C N7    
154 C C5    . DG B 3 ? 0.35026 0.46564 0.37756 0.07073  0.06366  0.10485  3 DG C C5    
155 C C6    . DG B 3 ? 0.37263 0.47047 0.39569 0.07803  0.07402  0.10795  3 DG C C6    
156 O O6    . DG B 3 ? 0.39650 0.47898 0.40950 0.07676  0.07994  0.10418  3 DG C O6    
157 N N1    . DG B 3 ? 0.32031 0.41912 0.35221 0.08752  0.07810  0.11680  3 DG C N1    
158 C C2    . DG B 3 ? 0.28824 0.40269 0.33086 0.08842  0.07222  0.12249  3 DG C C2    
159 N N2    . DG B 3 ? 0.33224 0.44452 0.37975 0.09683  0.07727  0.13146  3 DG C N2    
160 N N3    . DG B 3 ? 0.32126 0.45105 0.36803 0.08071  0.06246  0.12011  3 DG C N3    
161 C C4    . DG B 3 ? 0.30606 0.43563 0.34519 0.07268  0.05894  0.11090  3 DG C C4    
162 P P     . DG B 4 ? 0.38923 0.58346 0.47140 0.03617  0.01084  0.10604  4 DG C P     
163 O OP1   . DG B 4 ? 0.33950 0.54361 0.42059 0.03041  0.00290  0.10108  4 DG C OP1   
164 O OP2   . DG B 4 ? 0.31203 0.50868 0.40315 0.03690  0.01286  0.11579  4 DG C OP2   
165 O "O5'" . DG B 4 ? 0.34953 0.53561 0.42977 0.03396  0.00849  0.09482  4 DG C "O5'" 
166 C "C5'" . DG B 4 ? 0.32215 0.51110 0.40573 0.02638  -0.00139 0.08402  4 DG C "C5'" 
167 C "C4'" . DG B 4 ? 0.28020 0.46622 0.37374 0.02300  -0.00536 0.08364  4 DG C "C4'" 
168 O "O4'" . DG B 4 ? 0.33278 0.51872 0.42956 0.01679  -0.01443 0.07127  4 DG C "O4'" 
169 C "C3'" . DG B 4 ? 0.31145 0.48862 0.40325 0.02747  0.00072  0.08563  4 DG C "C3'" 
170 O "O3'" . DG B 4 ? 0.34296 0.52031 0.44581 0.02421  -0.00258 0.08951  4 DG C "O3'" 
171 C "C2'" . DG B 4 ? 0.34522 0.51842 0.43175 0.02616  -0.00253 0.07289  4 DG C "C2'" 
172 C "C1'" . DG B 4 ? 0.34888 0.52653 0.44384 0.01853  -0.01320 0.06567  4 DG C "C1'" 
173 N N9    . DG B 4 ? 0.28612 0.46399 0.37670 0.01568  -0.01809 0.05205  4 DG C N9    
174 C C8    . DG B 4 ? 0.28288 0.46296 0.36235 0.01731  -0.01499 0.04690  4 DG C C8    
175 N N7    . DG B 4 ? 0.27582 0.45675 0.35330 0.01348  -0.02027 0.03387  4 DG C N7    
176 C C5    . DG B 4 ? 0.23995 0.41806 0.32890 0.00978  -0.02748 0.03029  4 DG C C5    
177 C C6    . DG B 4 ? 0.28880 0.46528 0.38207 0.00571  -0.03481 0.01709  4 DG C C6    
178 O O6    . DG B 4 ? 0.33575 0.51242 0.42156 0.00441  -0.03573 0.00512  4 DG C O6    
179 N N1    . DG B 4 ? 0.27486 0.44896 0.38308 0.00306  -0.04095 0.01838  4 DG C N1    
180 C C2    . DG B 4 ? 0.31645 0.49026 0.43277 0.00363  -0.03954 0.03096  4 DG C C2    
181 N N2    . DG B 4 ? 0.36544 0.53752 0.49645 0.00000  -0.04580 0.03079  4 DG C N2    
182 N N3    . DG B 4 ? 0.33388 0.50903 0.44458 0.00746  -0.03199 0.04294  4 DG C N3    
183 C C4    . DG B 4 ? 0.26285 0.43965 0.36035 0.01070  -0.02646 0.04169  4 DG C C4    
184 P P     . DA B 5 ? 0.41712 0.59068 0.52117 0.02855  0.00478  0.09900  5 DA C P     
185 O OP1   . DA B 5 ? 0.40008 0.58090 0.51209 0.02799  0.00646  0.11040  5 DA C OP1   
186 O OP2   . DA B 5 ? 0.29252 0.45940 0.38399 0.03558  0.01299  0.09749  5 DA C OP2   
187 O "O5'" . DA B 5 ? 0.24358 0.41490 0.35755 0.02349  -0.00220 0.09593  5 DA C "O5'" 
188 C "C5'" . DA B 5 ? 0.23388 0.40861 0.35847 0.01639  -0.01198 0.09113  5 DA C "C5'" 
189 C "C4'" . DA B 5 ? 0.31261 0.48149 0.44274 0.01360  -0.01825 0.08364  5 DA C "C4'" 
190 O "O4'" . DA B 5 ? 0.35910 0.52572 0.48261 0.01320  -0.02231 0.06977  5 DA C "O4'" 
191 C "C3'" . DA B 5 ? 0.27407 0.43727 0.40161 0.01791  -0.01310 0.08870  5 DA C "C3'" 
192 O "O3'" . DA B 5 ? 0.28846 0.44891 0.42879 0.01378  -0.01987 0.08864  5 DA C "O3'" 
193 C "C2'" . DA B 5 ? 0.36869 0.52746 0.48304 0.02186  -0.01144 0.07846  5 DA C "C2'" 
194 C "C1'" . DA B 5 ? 0.32356 0.48350 0.44277 0.01662  -0.02076 0.06637  5 DA C "C1'" 
195 N N9    . DA B 5 ? 0.27670 0.43621 0.38534 0.01813  -0.02084 0.05495  5 DA C N9    
196 C C8    . DA B 5 ? 0.31729 0.47824 0.41289 0.02209  -0.01396 0.05473  5 DA C C8    
197 N N7    . DA B 5 ? 0.32965 0.49153 0.41869 0.02154  -0.01580 0.04339  5 DA C N7    
198 C C5    . DA B 5 ? 0.28808 0.44864 0.38631 0.01754  -0.02439 0.03510  5 DA C C5    
199 C C6    . DA B 5 ? 0.25290 0.41310 0.34982 0.01537  -0.02947 0.02074  5 DA C C6    
200 N N6    . DA B 5 ? 0.29715 0.45671 0.38079 0.01584  -0.02616 0.01193  5 DA C N6    
201 N N1    . DA B 5 ? 0.24816 0.40616 0.35747 0.01253  -0.03729 0.01534  5 DA C N1    
202 C C2    . DA B 5 ? 0.31807 0.47504 0.44103 0.01104  -0.04033 0.02457  5 DA C C2    
203 N N3    . DA B 5 ? 0.30137 0.45798 0.42525 0.01199  -0.03570 0.03797  5 DA C N3    
204 C C4    . DA B 5 ? 0.26465 0.42327 0.37563 0.01559  -0.02771 0.04235  5 DA C C4    
205 P P     . DA B 6 ? 0.34459 0.50235 0.48953 0.01565  -0.01662 0.09952  6 DA C P     
206 O OP1   . DA B 6 ? 0.47839 0.64322 0.63135 0.01386  -0.01280 0.11320  6 DA C OP1   
207 O OP2   . DA B 6 ? 0.35475 0.50847 0.48606 0.02213  -0.01113 0.09781  6 DA C OP2   
208 O "O5'" . DA B 6 ? 0.31645 0.46879 0.47562 0.01083  -0.02692 0.09444  6 DA C "O5'" 
209 C "C5'" . DA B 6 ? 0.29809 0.44929 0.46098 0.00702  -0.03520 0.08059  6 DA C "C5'" 
210 C "C4'" . DA B 6 ? 0.34322 0.48692 0.50655 0.00887  -0.04008 0.07091  6 DA C "C4'" 
211 O "O4'" . DA B 6 ? 0.33147 0.47625 0.48037 0.01223  -0.03841 0.05911  6 DA C "O4'" 
212 C "C3'" . DA B 6 ? 0.41820 0.55659 0.58013 0.01346  -0.03699 0.07925  6 DA C "C3'" 
213 O "O3'" . DA B 6 ? 0.40357 0.53448 0.57913 0.01191  -0.04507 0.07613  6 DA C "O3'" 
214 C "C2'" . DA B 6 ? 0.40565 0.54420 0.54844 0.01972  -0.03150 0.07275  6 DA C "C2'" 
215 C "C1'" . DA B 6 ? 0.35817 0.49811 0.50051 0.01745  -0.03671 0.05757  6 DA C "C1'" 
216 N N9    . DA B 6 ? 0.34675 0.48956 0.47275 0.02108  -0.03191 0.05015  6 DA C N9    
217 C C8    . DA B 6 ? 0.29742 0.44291 0.40988 0.02458  -0.02299 0.05529  6 DA C C8    
218 N N7    . DA B 6 ? 0.27761 0.42432 0.37789 0.02654  -0.02046 0.04629  6 DA C N7    
219 C C5    . DA B 6 ? 0.29471 0.43861 0.39880 0.02386  -0.02760 0.03374  6 DA C C5    
220 C C6    . DA B 6 ? 0.27123 0.41412 0.36628 0.02346  -0.02821 0.01978  6 DA C C6    
221 N N6    . DA B 6 ? 0.24319 0.38656 0.32316 0.02484  -0.02177 0.01651  6 DA C N6    
222 N N1    . DA B 6 ? 0.30215 0.44336 0.40519 0.02148  -0.03536 0.00921  6 DA C N1    
223 C C2    . DA B 6 ? 0.30171 0.44001 0.42092 0.01976  -0.04183 0.01219  6 DA C C2    
224 N N3    . DA B 6 ? 0.25242 0.39041 0.38184 0.01893  -0.04238 0.02538  6 DA C N3    
225 C C4    . DA B 6 ? 0.31206 0.45415 0.43298 0.02116  -0.03488 0.03600  6 DA C C4    
226 P P     . DT C 1 ? 0.49246 0.64964 0.54698 0.01919  -0.02320 -0.07706 1 DT B P     
227 O OP1   . DT C 1 ? 0.46784 0.62748 0.52703 0.02202  -0.02388 -0.08582 1 DT B OP1   
228 O OP2   . DT C 1 ? 0.49493 0.65678 0.54190 0.01479  -0.01874 -0.07800 1 DT B OP2   
229 O "O5'" . DT C 1 ? 0.44581 0.59622 0.51183 0.02120  -0.02980 -0.07153 1 DT B "O5'" 
230 C "C5'" . DT C 1 ? 0.42294 0.56879 0.49885 0.02553  -0.03467 -0.06716 1 DT B "C5'" 
231 C "C4'" . DT C 1 ? 0.43009 0.57056 0.51922 0.02620  -0.04049 -0.06301 1 DT B "C4'" 
232 O "O4'" . DT C 1 ? 0.46773 0.60746 0.55672 0.02545  -0.04018 -0.05015 1 DT B "O4'" 
233 C "C3'" . DT C 1 ? 0.47754 0.61853 0.56920 0.02305  -0.04181 -0.07102 1 DT B "C3'" 
234 O "O3'" . DT C 1 ? 0.55286 0.68853 0.66068 0.02513  -0.04855 -0.07350 1 DT B "O3'" 
235 C "C2'" . DT C 1 ? 0.38871 0.53161 0.47480 0.01898  -0.04001 -0.06205 1 DT B "C2'" 
236 C "C1'" . DT C 1 ? 0.33374 0.47392 0.42559 0.02169  -0.04148 -0.04913 1 DT B "C1'" 
237 N N1    . DT C 1 ? 0.34655 0.49069 0.43074 0.02052  -0.03714 -0.03902 1 DT B N1    
238 C C2    . DT C 1 ? 0.33882 0.48266 0.43086 0.02183  -0.03865 -0.02665 1 DT B C2    
239 O O2    . DT C 1 ? 0.31010 0.44916 0.41528 0.02285  -0.04381 -0.02304 1 DT B O2    
240 N N3    . DT C 1 ? 0.32737 0.47228 0.40945 0.02144  -0.03228 -0.01713 1 DT B N3    
241 C C4    . DT C 1 ? 0.29096 0.43886 0.35892 0.02033  -0.02597 -0.01954 1 DT B C4    
242 O O4    . DT C 1 ? 0.26826 0.41530 0.32904 0.02089  -0.02021 -0.01076 1 DT B O4    
243 C C5    . DT C 1 ? 0.31658 0.46856 0.37977 0.01864  -0.02619 -0.03287 1 DT B C5    
244 C C7    . DT C 1 ? 0.33984 0.49454 0.38891 0.01644  -0.01947 -0.03522 1 DT B C7    
245 C C6    . DT C 1 ? 0.36571 0.51477 0.43606 0.01880  -0.03112 -0.04168 1 DT B C6    
246 P P     . DT C 2 ? 0.62422 0.75960 0.73827 0.02262  -0.05177 -0.08507 2 DT B P     
247 O OP1   . DT C 2 ? 0.46114 0.59263 0.59020 0.02782  -0.05659 -0.09487 2 DT B OP1   
248 O OP2   . DT C 2 ? 0.45962 0.60218 0.55823 0.01857  -0.04592 -0.08975 2 DT B OP2   
249 O "O5'" . DT C 2 ? 0.41646 0.54749 0.54053 0.01943  -0.05687 -0.07547 2 DT B "O5'" 
250 C "C5'" . DT C 2 ? 0.43322 0.55902 0.56891 0.02249  -0.06026 -0.06440 2 DT B "C5'" 
251 C "C4'" . DT C 2 ? 0.37674 0.50016 0.52298 0.01843  -0.06450 -0.05569 2 DT B "C4'" 
252 O "O4'" . DT C 2 ? 0.40736 0.53683 0.54390 0.01659  -0.05990 -0.04276 2 DT B "O4'" 
253 C "C3'" . DT C 2 ? 0.36060 0.48433 0.50951 0.01268  -0.06780 -0.06546 2 DT B "C3'" 
254 O "O3'" . DT C 2 ? 0.48254 0.59975 0.65021 0.00999  -0.07465 -0.06024 2 DT B "O3'" 
255 C "C2'" . DT C 2 ? 0.39877 0.53160 0.53111 0.00849  -0.06246 -0.05982 2 DT B "C2'" 
256 C "C1'" . DT C 2 ? 0.37468 0.50874 0.50900 0.01058  -0.06052 -0.04311 2 DT B "C1'" 
257 N N1    . DT C 2 ? 0.29954 0.44158 0.41886 0.00997  -0.05396 -0.03604 2 DT B N1    
258 C C2    . DT C 2 ? 0.29692 0.44312 0.41987 0.01012  -0.05274 -0.02164 2 DT B C2    
259 O O2    . DT C 2 ? 0.24918 0.39084 0.38481 0.00977  -0.05576 -0.01261 2 DT B O2    
260 N N3    . DT C 2 ? 0.33479 0.48736 0.44392 0.01065  -0.04605 -0.01658 2 DT B N3    
261 C C4    . DT C 2 ? 0.30534 0.45972 0.39906 0.01023  -0.04136 -0.02409 2 DT B C4    
262 O O4    . DT C 2 ? 0.31134 0.47061 0.39495 0.01084  -0.03565 -0.01852 2 DT B O4    
263 C C5    . DT C 2 ? 0.25577 0.40665 0.34702 0.00940  -0.04309 -0.03842 2 DT B C5    
264 C C7    . DT C 2 ? 0.27806 0.43256 0.35438 0.00857  -0.03787 -0.04647 2 DT B C7    
265 C C6    . DT C 2 ? 0.28244 0.42762 0.38609 0.00973  -0.04893 -0.04384 2 DT B C6    
266 P P     . DC C 3 ? 0.50460 0.61971 0.67925 0.00273  -0.08002 -0.06895 3 DC B P     
267 O OP1   . DC C 3 ? 0.57544 0.67924 0.76799 0.00485  -0.08638 -0.08087 3 DC B OP1   
268 O OP2   . DC C 3 ? 0.44017 0.56481 0.59500 -0.00060 -0.07537 -0.07540 3 DC B OP2   
269 O "O5'" . DC C 3 ? 0.31535 0.43050 0.50116 -0.00238 -0.08297 -0.05239 3 DC B "O5'" 
270 C "C5'" . DC C 3 ? 0.25645 0.37229 0.44505 0.00108  -0.08031 -0.03515 3 DC B "C5'" 
271 C "C4'" . DC C 3 ? 0.27362 0.39756 0.46111 -0.00393 -0.07860 -0.02116 3 DC B "C4'" 
272 O "O4'" . DC C 3 ? 0.34990 0.48525 0.51875 -0.00214 -0.07169 -0.01826 3 DC B "O4'" 
273 C "C3'" . DC C 3 ? 0.30136 0.42727 0.49500 -0.01264 -0.08366 -0.02551 3 DC B "C3'" 
274 O "O3'" . DC C 3 ? 0.33584 0.46104 0.54324 -0.01628 -0.08521 -0.00992 3 DC B "O3'" 
275 C "C2'" . DC C 3 ? 0.30017 0.44017 0.47480 -0.01444 -0.07939 -0.02762 3 DC B "C2'" 
276 C "C1'" . DC C 3 ? 0.30877 0.45378 0.47511 -0.00816 -0.07224 -0.01533 3 DC B "C1'" 
277 N N1    . DC C 3 ? 0.28964 0.44449 0.43697 -0.00665 -0.06665 -0.01781 3 DC B N1    
278 C C2    . DC C 3 ? 0.22652 0.39180 0.36941 -0.00545 -0.06219 -0.00494 3 DC B C2    
279 O O2    . DC C 3 ? 0.18501 0.34967 0.33484 -0.00527 -0.06070 0.00759  3 DC B O2    
280 N N3    . DC C 3 ? 0.24557 0.41313 0.37078 -0.00373 -0.05642 -0.00711 3 DC B N3    
281 C C4    . DC C 3 ? 0.28942 0.45388 0.40322 -0.00385 -0.05546 -0.02032 3 DC B C4    
282 N N4    . DC C 3 ? 0.25763 0.42614 0.35561 -0.00274 -0.04969 -0.02122 3 DC B N4    
283 C C5    . DC C 3 ? 0.31799 0.47495 0.43651 -0.00464 -0.05962 -0.03323 3 DC B C5    
284 C C6    . DC C 3 ? 0.31461 0.46637 0.44990 -0.00568 -0.06520 -0.03186 3 DC B C6    
285 P P     . DG C 4 ? 0.47382 0.60346 0.68900 -0.02607 -0.08980 -0.00901 4 DG B P     
286 O OP1   . DG C 4 ? 0.34621 0.47053 0.57911 -0.02825 -0.09088 0.00747  4 DG B OP1   
287 O OP2   . DG C 4 ? 0.34962 0.47562 0.56344 -0.03060 -0.09517 -0.02843 4 DG B OP2   
288 O "O5'" . DG C 4 ? 0.39375 0.54102 0.59296 -0.02612 -0.08411 -0.00231 4 DG B "O5'" 
289 C "C5'" . DG C 4 ? 0.39101 0.54300 0.58876 -0.02241 -0.07761 0.01544  4 DG B "C5'" 
290 C "C4'" . DG C 4 ? 0.37273 0.53694 0.56926 -0.02659 -0.07677 0.02200  4 DG B "C4'" 
291 O "O4'" . DG C 4 ? 0.37311 0.54749 0.55290 -0.02332 -0.07284 0.01811  4 DG B "O4'" 
292 C "C3'" . DG C 4 ? 0.36945 0.53625 0.57600 -0.03618 -0.08491 0.01411  4 DG B "C3'" 
293 O "O3'" . DG C 4 ? 0.34194 0.51755 0.55382 -0.03931 -0.08386 0.02607  4 DG B "O3'" 
294 C "C2'" . DG C 4 ? 0.32129 0.49685 0.51339 -0.03727 -0.08659 -0.00143 4 DG B "C2'" 
295 C "C1'" . DG C 4 ? 0.39342 0.57605 0.57104 -0.02925 -0.07876 0.00508  4 DG B "C1'" 
296 N N9    . DG C 4 ? 0.30232 0.48741 0.46618 -0.02626 -0.07760 -0.00674 4 DG B N9    
297 C C8    . DG C 4 ? 0.24534 0.42179 0.40556 -0.02936 -0.08120 -0.01782 4 DG B C8    
298 N N7    . DG C 4 ? 0.32873 0.50248 0.47393 -0.02560 -0.07787 -0.02325 4 DG B N7    
299 C C5    . DG C 4 ? 0.30302 0.48208 0.44351 -0.02118 -0.07326 -0.01226 4 DG B C5    
300 C C6    . DG C 4 ? 0.26077 0.44179 0.38264 -0.01649 -0.06568 -0.01284 4 DG B C6    
301 O O6    . DG C 4 ? 0.24526 0.42411 0.35397 -0.01548 -0.06293 -0.02292 4 DG B O6    
302 N N1    . DG C 4 ? 0.24727 0.43373 0.36599 -0.01304 -0.06009 0.00022  4 DG B N1    
303 C C2    . DG C 4 ? 0.26000 0.44910 0.38926 -0.01310 -0.06004 0.01165  4 DG B C2    
304 N N2    . DG C 4 ? 0.30167 0.49453 0.42388 -0.00924 -0.05288 0.02450  4 DG B N2    
305 N N3    . DG C 4 ? 0.25460 0.44287 0.39963 -0.01696 -0.06572 0.01095  4 DG B N3    
306 C C4    . DG C 4 ? 0.29335 0.47778 0.44486 -0.02034 -0.07265 -0.00348 4 DG B C4    
307 P P     . DC C 5 ? 0.45961 0.64388 0.67910 -0.04921 -0.09110 0.01998  5 DC B P     
308 O OP1   . DC C 5 ? 0.50536 0.69141 0.73842 -0.05214 -0.09014 0.03628  5 DC B OP1   
309 O OP2   . DC C 5 ? 0.49364 0.67063 0.71591 -0.05523 -0.09846 0.00230  5 DC B OP2   
310 O "O5'" . DC C 5 ? 0.32963 0.52939 0.53413 -0.04679 -0.08921 0.01636  5 DC B "O5'" 
311 C "C5'" . DC C 5 ? 0.32556 0.53026 0.52246 -0.04003 -0.08179 0.03027  5 DC B "C5'" 
312 C "C4'" . DC C 5 ? 0.29671 0.51232 0.48245 -0.03936 -0.08282 0.02542  5 DC B "C4'" 
313 O "O4'" . DC C 5 ? 0.33648 0.54764 0.50754 -0.03372 -0.07975 0.01822  5 DC B "O4'" 
314 C "C3'" . DC C 5 ? 0.31753 0.54033 0.50856 -0.04784 -0.09250 0.01093  5 DC B "C3'" 
315 O "O3'" . DC C 5 ? 0.46242 0.69782 0.65445 -0.05009 -0.09444 0.01771  5 DC B "O3'" 
316 C "C2'" . DC C 5 ? 0.26279 0.48229 0.44181 -0.04571 -0.09464 -0.00458 5 DC B "C2'" 
317 C "C1'" . DC C 5 ? 0.29034 0.50664 0.45541 -0.03698 -0.08565 0.00608  5 DC B "C1'" 
318 N N1    . DC C 5 ? 0.25006 0.45811 0.40381 -0.03410 -0.08497 -0.00386 5 DC B N1    
319 C C2    . DC C 5 ? 0.30492 0.51436 0.44155 -0.02863 -0.07745 0.00211  5 DC B C2    
320 O O2    . DC C 5 ? 0.29266 0.50869 0.42560 -0.02538 -0.07188 0.01560  5 DC B O2    
321 N N3    . DC C 5 ? 0.33304 0.53686 0.45729 -0.02726 -0.07566 -0.00670 5 DC B N3    
322 C C4    . DC C 5 ? 0.30148 0.49739 0.42811 -0.03104 -0.08068 -0.01896 5 DC B C4    
323 N N4    . DC C 5 ? 0.30416 0.49611 0.41607 -0.02866 -0.07617 -0.02801 5 DC B N4    
324 C C5    . DC C 5 ? 0.25087 0.44318 0.39408 -0.03778 -0.08926 -0.02183 5 DC B C5    
325 C C6    . DC C 5 ? 0.22720 0.42563 0.38657 -0.03825 -0.09195 -0.01662 5 DC B C6    
# 
